data_2ADV
#
_entry.id   2ADV
#
_cell.length_a   73.775
_cell.length_b   73.775
_cell.length_c   384.646
_cell.angle_alpha   90.00
_cell.angle_beta   90.00
_cell.angle_gamma   90.00
#
_symmetry.space_group_name_H-M   'P 41 21 2'
#
loop_
_entity.id
_entity.type
_entity.pdbx_description
1 polymer 'Glutaryl 7- Aminocephalosporanic Acid Acylase'
2 polymer 'Glutaryl 7- Aminocephalosporanic Acid Acylase'
3 polymer 'Glutaryl 7- Aminocephalosporanic Acid Acylase'
4 water water
#
loop_
_entity_poly.entity_id
_entity_poly.type
_entity_poly.pdbx_seq_one_letter_code
_entity_poly.pdbx_strand_id
1 'polypeptide(L)'
;EPTSTPQAPIAAYKPRSNEILWDGYGVPHIYGVDAPSAFYGYGWAQARSHGDNILRLYGEARGKGAEYWGPDYEQTTVWL
LTNGVPERAQQWYAQQSPDFRANLDAFAAGINAYAQQNPDDISPDVRQVLPVSGADVVAHAHRLMNFLYVASPGRTLGEG
DPPDLA
;
A
2 'polypeptide(L)' SNSWAVAPGKTANGNALLLQNPHLSWTT B
3 'polypeptide(L)'
;DYFTLYEAHLVTPDFEIYGATQIGLPVIRFAFNQRMGITNTVNGMVGATNYRLTLQDGGYLYDGQVRPFERRQASYRLRQ
ADGTTVDKPLEIRSSVHGPVFERADGTAVAVRVAGLDRPGMLEQYFDMITADSFDDYEAALARMQVPTFNIVYADREGTI
NYSFNGVAPKRAEGDIAFWQGLVPGDSSRYLWTETHPLDDLPRVTNPPGGFVQNSNDPPWTPTWPVTYTPKDFPSYLAPQ
TPHSLRAQQSVRLMSENDDLTLERFMALQLSHRAVMADRTLPDLIPAALIDPDPEVQAAARLLAAWDREFTSDSRAALLF
EEWARLFAGQNFAGQAGFATPWSLDKPVSTPYGVRDPKAAVDQLRTAIANTKRKYGAIDRPFGDASRMILNDVNVPGAAG
YGNLGSFRVFTWSDPDENGVRTPVHGETWVAMIEFSTPVRAYGLMSYGNSRQPGTTHYSDQIERVSRADFRELLLRREQV
EAAVQERTPFNFKPHHHHHH
;
C
#
# COMPACT_ATOMS: atom_id res chain seq x y z
N PRO A 6 18.68 -32.66 -3.10
CA PRO A 6 18.04 -31.40 -2.62
C PRO A 6 18.08 -30.23 -3.63
N GLN A 7 19.16 -30.13 -4.40
CA GLN A 7 19.41 -29.05 -5.37
C GLN A 7 19.62 -27.67 -4.71
N ALA A 8 20.87 -27.19 -4.77
CA ALA A 8 21.21 -25.85 -4.30
C ALA A 8 20.74 -24.80 -5.33
N PRO A 9 20.57 -23.54 -4.90
CA PRO A 9 20.25 -22.44 -5.84
C PRO A 9 21.45 -22.17 -6.75
N ILE A 10 21.26 -21.31 -7.74
CA ILE A 10 22.39 -20.94 -8.58
C ILE A 10 23.42 -20.21 -7.72
N ALA A 11 24.68 -20.34 -8.13
CA ALA A 11 25.80 -19.67 -7.47
C ALA A 11 25.52 -18.18 -7.40
N ALA A 12 25.66 -17.61 -6.21
CA ALA A 12 25.49 -16.18 -6.03
C ALA A 12 26.59 -15.46 -6.78
N TYR A 13 26.25 -14.32 -7.38
CA TYR A 13 27.25 -13.46 -8.02
C TYR A 13 28.07 -12.71 -6.96
N LYS A 14 29.36 -12.55 -7.21
CA LYS A 14 30.28 -11.91 -6.28
C LYS A 14 30.81 -10.65 -6.94
N PRO A 15 30.23 -9.49 -6.66
CA PRO A 15 30.72 -8.24 -7.26
C PRO A 15 32.17 -7.93 -6.91
N ARG A 16 32.92 -7.51 -7.92
CA ARG A 16 34.34 -7.13 -7.80
C ARG A 16 34.51 -5.62 -7.93
N SER A 17 33.52 -4.93 -8.48
CA SER A 17 33.55 -3.47 -8.53
C SER A 17 32.17 -2.91 -8.20
N ASN A 18 32.12 -1.66 -7.76
CA ASN A 18 30.90 -0.95 -7.48
C ASN A 18 30.38 -0.20 -8.73
N GLU A 19 29.17 -0.54 -9.17
CA GLU A 19 28.58 0.01 -10.38
C GLU A 19 27.07 -0.16 -10.39
N ILE A 20 26.37 0.79 -10.99
CA ILE A 20 24.98 0.60 -11.32
C ILE A 20 24.90 0.31 -12.83
N LEU A 21 24.36 -0.84 -13.19
CA LEU A 21 23.91 -1.13 -14.54
C LEU A 21 22.40 -0.85 -14.65
N TRP A 22 22.07 0.23 -15.33
CA TRP A 22 20.69 0.62 -15.56
C TRP A 22 20.20 -0.03 -16.84
N ASP A 23 19.00 -0.59 -16.84
CA ASP A 23 18.45 -1.19 -18.06
C ASP A 23 17.60 -0.18 -18.83
N GLY A 24 16.96 -0.64 -19.91
CA GLY A 24 16.21 0.22 -20.82
C GLY A 24 14.95 0.88 -20.26
N TYR A 25 14.47 0.41 -19.10
CA TYR A 25 13.33 1.03 -18.41
C TYR A 25 13.72 1.90 -17.22
N GLY A 26 15.01 2.14 -17.05
CA GLY A 26 15.50 2.94 -15.95
C GLY A 26 15.48 2.23 -14.59
N VAL A 27 15.56 0.91 -14.61
CA VAL A 27 15.73 0.13 -13.39
C VAL A 27 17.22 -0.01 -13.10
N PRO A 28 17.66 0.41 -11.92
CA PRO A 28 19.06 0.25 -11.53
C PRO A 28 19.38 -1.13 -10.96
N HIS A 29 20.42 -1.77 -11.51
CA HIS A 29 20.98 -2.99 -10.96
C HIS A 29 22.27 -2.59 -10.26
N ILE A 30 22.22 -2.56 -8.94
CA ILE A 30 23.28 -1.99 -8.12
C ILE A 30 24.14 -3.10 -7.58
N TYR A 31 25.40 -3.09 -7.97
CA TYR A 31 26.41 -4.06 -7.53
C TYR A 31 27.37 -3.35 -6.58
N GLY A 32 27.50 -3.89 -5.36
CA GLY A 32 28.38 -3.35 -4.34
C GLY A 32 29.31 -4.46 -3.85
N VAL A 33 30.58 -4.12 -3.56
CA VAL A 33 31.52 -5.10 -3.03
C VAL A 33 31.27 -5.41 -1.56
N ASP A 34 30.43 -4.61 -0.92
CA ASP A 34 29.96 -4.88 0.45
C ASP A 34 28.62 -4.16 0.69
N ALA A 35 28.02 -4.37 1.86
CA ALA A 35 26.69 -3.82 2.10
C ALA A 35 26.63 -2.30 1.99
N PRO A 36 27.46 -1.55 2.73
CA PRO A 36 27.41 -0.08 2.63
C PRO A 36 27.53 0.42 1.18
N SER A 37 28.31 -0.23 0.35
CA SER A 37 28.47 0.20 -1.03
C SER A 37 27.13 0.06 -1.79
N ALA A 38 26.46 -1.06 -1.63
CA ALA A 38 25.16 -1.29 -2.25
C ALA A 38 24.14 -0.26 -1.77
N PHE A 39 24.12 0.02 -0.49
CA PHE A 39 23.16 1.00 0.05
C PHE A 39 23.45 2.40 -0.48
N TYR A 40 24.74 2.75 -0.64
CA TYR A 40 25.14 4.02 -1.25
C TYR A 40 24.65 4.11 -2.70
N GLY A 41 24.90 3.05 -3.48
CA GLY A 41 24.44 2.96 -4.85
C GLY A 41 22.93 3.12 -4.92
N TYR A 42 22.23 2.54 -3.94
CA TYR A 42 20.78 2.56 -3.92
C TYR A 42 20.27 3.97 -3.66
N GLY A 43 20.97 4.71 -2.80
CA GLY A 43 20.58 6.08 -2.53
C GLY A 43 20.84 7.04 -3.71
N TRP A 44 21.96 6.83 -4.38
CA TRP A 44 22.32 7.54 -5.61
C TRP A 44 21.17 7.38 -6.65
N ALA A 45 20.81 6.13 -6.92
CA ALA A 45 19.76 5.75 -7.86
C ALA A 45 18.43 6.39 -7.52
N GLN A 46 18.01 6.23 -6.27
CA GLN A 46 16.74 6.82 -5.85
C GLN A 46 16.77 8.34 -6.03
N ALA A 47 17.91 8.96 -5.76
CA ALA A 47 18.03 10.43 -5.89
C ALA A 47 17.89 10.84 -7.37
N ARG A 48 18.47 10.04 -8.24
CA ARG A 48 18.39 10.23 -9.66
C ARG A 48 16.96 10.11 -10.18
N SER A 49 16.25 9.06 -9.75
CA SER A 49 14.93 8.76 -10.26
C SER A 49 13.82 9.53 -9.54
N HIS A 50 14.03 9.87 -8.26
CA HIS A 50 12.98 10.46 -7.43
C HIS A 50 13.50 11.50 -6.45
N GLY A 51 14.66 12.07 -6.75
CA GLY A 51 15.34 12.96 -5.82
C GLY A 51 14.48 14.05 -5.23
N ASP A 52 13.78 14.80 -6.05
CA ASP A 52 13.06 15.96 -5.55
C ASP A 52 12.01 15.61 -4.47
N ASN A 53 11.19 14.62 -4.74
CA ASN A 53 10.12 14.25 -3.80
C ASN A 53 10.70 13.53 -2.58
N ILE A 54 11.81 12.82 -2.75
CA ILE A 54 12.52 12.27 -1.59
C ILE A 54 12.98 13.41 -0.67
N LEU A 55 13.65 14.42 -1.23
CA LEU A 55 14.13 15.54 -0.41
C LEU A 55 13.00 16.28 0.27
N ARG A 56 11.88 16.44 -0.41
CA ARG A 56 10.71 17.08 0.18
C ARG A 56 10.22 16.26 1.40
N LEU A 57 10.07 14.96 1.21
CA LEU A 57 9.60 14.05 2.25
C LEU A 57 10.53 14.04 3.46
N TYR A 58 11.84 14.00 3.23
CA TYR A 58 12.82 14.03 4.31
C TYR A 58 12.74 15.35 5.05
N GLY A 59 12.54 16.43 4.31
CA GLY A 59 12.39 17.74 4.91
C GLY A 59 11.19 17.78 5.85
N GLU A 60 10.08 17.19 5.41
CA GLU A 60 8.87 17.14 6.23
C GLU A 60 9.11 16.33 7.51
N ALA A 61 9.81 15.21 7.37
CA ALA A 61 10.02 14.29 8.48
C ALA A 61 10.97 14.87 9.55
N ARG A 62 11.72 15.90 9.16
CA ARG A 62 12.51 16.73 10.08
C ARG A 62 11.66 17.68 10.87
N GLY A 63 10.39 17.78 10.54
CA GLY A 63 9.57 18.81 11.11
C GLY A 63 9.85 20.17 10.52
N LYS A 64 10.50 20.23 9.36
CA LYS A 64 10.87 21.52 8.77
C LYS A 64 10.07 21.92 7.52
N GLY A 65 8.94 21.27 7.29
CA GLY A 65 8.08 21.54 6.16
C GLY A 65 7.59 22.99 6.11
N ALA A 66 7.06 23.47 7.22
CA ALA A 66 6.60 24.85 7.32
C ALA A 66 7.75 25.83 7.11
N GLU A 67 8.92 25.51 7.61
CA GLU A 67 10.07 26.41 7.51
C GLU A 67 10.56 26.45 6.07
N TYR A 68 10.61 25.30 5.44
CA TYR A 68 11.15 25.19 4.10
C TYR A 68 10.16 25.72 3.05
N TRP A 69 8.86 25.41 3.20
CA TRP A 69 7.86 25.55 2.13
C TRP A 69 6.55 26.28 2.49
N GLY A 70 6.40 26.72 3.73
CA GLY A 70 5.30 27.59 4.11
C GLY A 70 4.02 26.90 4.52
N PRO A 71 2.90 27.67 4.57
CA PRO A 71 1.61 27.21 5.13
C PRO A 71 1.02 25.87 4.69
N ASP A 72 1.24 25.47 3.45
CA ASP A 72 0.69 24.20 2.95
C ASP A 72 1.30 22.99 3.66
N TYR A 73 2.45 23.19 4.31
CA TYR A 73 3.18 22.12 5.00
C TYR A 73 3.08 22.22 6.52
N GLU A 74 2.33 23.22 6.99
CA GLU A 74 2.28 23.60 8.40
C GLU A 74 1.55 22.60 9.28
N GLN A 75 0.41 22.09 8.83
CA GLN A 75 -0.34 21.17 9.65
C GLN A 75 0.43 19.85 9.82
N THR A 76 1.09 19.38 8.78
CA THR A 76 1.97 18.22 8.93
C THR A 76 3.12 18.49 9.93
N THR A 77 3.65 19.71 9.91
CA THR A 77 4.71 20.07 10.84
C THR A 77 4.22 20.00 12.30
N VAL A 78 3.02 20.52 12.55
CA VAL A 78 2.44 20.51 13.89
C VAL A 78 2.16 19.07 14.31
N TRP A 79 1.69 18.25 13.39
CA TRP A 79 1.39 16.85 13.71
C TRP A 79 2.66 16.15 14.14
N LEU A 80 3.72 16.32 13.35
CA LEU A 80 4.96 15.61 13.60
C LEU A 80 5.71 16.14 14.82
N LEU A 81 5.74 17.45 15.03
CA LEU A 81 6.43 18.01 16.20
C LEU A 81 5.68 17.62 17.49
N THR A 82 4.37 17.70 17.45
CA THR A 82 3.54 17.34 18.58
C THR A 82 3.71 15.85 18.95
N ASN A 83 3.89 15.00 17.95
CA ASN A 83 4.10 13.58 18.18
C ASN A 83 5.57 13.22 18.36
N GLY A 84 6.41 14.25 18.42
CA GLY A 84 7.81 14.11 18.74
C GLY A 84 8.59 13.31 17.73
N VAL A 85 8.16 13.34 16.47
CA VAL A 85 8.74 12.46 15.46
C VAL A 85 10.22 12.72 15.14
N PRO A 86 10.62 13.97 14.88
CA PRO A 86 12.04 14.26 14.55
C PRO A 86 13.03 13.82 15.64
N GLU A 87 12.76 14.17 16.90
CA GLU A 87 13.62 13.73 18.02
C GLU A 87 13.62 12.21 18.21
N ARG A 88 12.46 11.58 18.13
CA ARG A 88 12.41 10.11 18.21
C ARG A 88 13.26 9.45 17.13
N ALA A 89 13.27 10.03 15.93
CA ALA A 89 14.07 9.47 14.85
C ALA A 89 15.56 9.55 15.15
N GLN A 90 15.98 10.63 15.78
CA GLN A 90 17.36 10.77 16.24
C GLN A 90 17.65 9.64 17.23
N GLN A 91 16.71 9.31 18.11
CA GLN A 91 16.95 8.24 19.07
C GLN A 91 17.00 6.87 18.42
N TRP A 92 16.08 6.61 17.49
CA TRP A 92 16.04 5.32 16.79
C TRP A 92 17.32 5.15 16.02
N TYR A 93 17.81 6.23 15.45
CA TYR A 93 19.04 6.21 14.68
C TYR A 93 20.21 5.81 15.58
N ALA A 94 20.35 6.46 16.73
CA ALA A 94 21.41 6.10 17.69
C ALA A 94 21.26 4.67 18.19
N GLN A 95 20.02 4.16 18.22
CA GLN A 95 19.69 2.81 18.73
C GLN A 95 19.88 1.72 17.68
N GLN A 96 20.28 2.08 16.47
CA GLN A 96 20.54 1.08 15.43
C GLN A 96 21.73 0.23 15.82
N SER A 97 21.80 -0.99 15.31
CA SER A 97 23.02 -1.78 15.41
C SER A 97 24.10 -1.09 14.56
N PRO A 98 25.35 -1.11 15.00
CA PRO A 98 26.42 -0.41 14.26
C PRO A 98 26.47 -0.73 12.76
N ASP A 99 26.27 -1.99 12.39
CA ASP A 99 26.37 -2.40 11.00
C ASP A 99 25.23 -1.84 10.16
N PHE A 100 24.01 -1.88 10.70
CA PHE A 100 22.90 -1.35 9.96
C PHE A 100 22.96 0.18 9.91
N ARG A 101 23.51 0.81 10.95
CA ARG A 101 23.67 2.25 10.95
C ARG A 101 24.57 2.69 9.82
N ALA A 102 25.61 1.92 9.56
CA ALA A 102 26.53 2.23 8.49
C ALA A 102 25.82 2.11 7.13
N ASN A 103 24.88 1.16 7.01
CA ASN A 103 24.12 1.04 5.77
C ASN A 103 23.25 2.27 5.55
N LEU A 104 22.63 2.76 6.61
CA LEU A 104 21.78 3.92 6.53
C LEU A 104 22.58 5.18 6.21
N ASP A 105 23.78 5.28 6.79
CA ASP A 105 24.69 6.38 6.53
C ASP A 105 25.13 6.35 5.07
N ALA A 106 25.39 5.18 4.55
CA ALA A 106 25.81 5.05 3.16
C ALA A 106 24.68 5.48 2.21
N PHE A 107 23.46 5.04 2.50
CA PHE A 107 22.30 5.39 1.70
C PHE A 107 22.15 6.89 1.63
N ALA A 108 22.26 7.54 2.77
CA ALA A 108 22.15 8.99 2.81
C ALA A 108 23.30 9.64 2.04
N ALA A 109 24.50 9.07 2.16
CA ALA A 109 25.67 9.58 1.47
C ALA A 109 25.52 9.46 -0.05
N GLY A 110 24.81 8.42 -0.50
CA GLY A 110 24.53 8.23 -1.91
C GLY A 110 23.63 9.32 -2.46
N ILE A 111 22.62 9.70 -1.66
CA ILE A 111 21.74 10.79 -2.06
C ILE A 111 22.55 12.07 -2.20
N ASN A 112 23.35 12.37 -1.17
CA ASN A 112 24.10 13.62 -1.11
C ASN A 112 25.05 13.68 -2.29
N ALA A 113 25.64 12.54 -2.62
CA ALA A 113 26.61 12.45 -3.68
C ALA A 113 25.94 12.63 -5.04
N TYR A 114 24.77 12.02 -5.26
CA TYR A 114 24.06 12.24 -6.51
C TYR A 114 23.83 13.74 -6.68
N ALA A 115 23.38 14.38 -5.61
CA ALA A 115 23.00 15.79 -5.68
C ALA A 115 24.21 16.69 -5.96
N GLN A 116 25.34 16.31 -5.35
CA GLN A 116 26.57 17.06 -5.45
C GLN A 116 27.15 16.95 -6.86
N GLN A 117 27.08 15.76 -7.44
CA GLN A 117 27.56 15.52 -8.80
C GLN A 117 26.60 16.01 -9.89
N ASN A 118 25.33 16.20 -9.55
CA ASN A 118 24.29 16.57 -10.52
C ASN A 118 23.34 17.63 -9.96
N PRO A 119 23.88 18.77 -9.57
CA PRO A 119 23.08 19.80 -8.92
C PRO A 119 22.00 20.40 -9.84
N ASP A 120 22.21 20.34 -11.16
CA ASP A 120 21.20 20.74 -12.13
C ASP A 120 19.90 19.95 -11.99
N ASP A 121 19.99 18.72 -11.51
CA ASP A 121 18.82 17.84 -11.40
C ASP A 121 18.00 17.98 -10.11
N ILE A 122 18.44 18.83 -9.18
CA ILE A 122 17.76 19.08 -7.92
C ILE A 122 17.04 20.40 -7.98
N SER A 123 15.74 20.38 -7.71
CA SER A 123 14.90 21.56 -7.80
C SER A 123 15.33 22.59 -6.77
N PRO A 124 15.37 23.86 -7.17
CA PRO A 124 15.78 24.94 -6.27
C PRO A 124 15.22 24.86 -4.87
N ASP A 125 13.92 24.70 -4.70
CA ASP A 125 13.40 24.89 -3.37
C ASP A 125 13.52 23.65 -2.45
N VAL A 126 14.06 22.52 -2.96
CA VAL A 126 14.52 21.41 -2.08
C VAL A 126 16.04 21.32 -1.84
N ARG A 127 16.83 22.18 -2.49
CA ARG A 127 18.29 22.23 -2.28
C ARG A 127 18.69 22.47 -0.81
N GLN A 128 17.89 23.29 -0.13
CA GLN A 128 18.11 23.68 1.26
C GLN A 128 17.97 22.48 2.24
N VAL A 129 17.40 21.38 1.76
CA VAL A 129 17.27 20.16 2.56
C VAL A 129 18.62 19.49 2.71
N LEU A 130 19.43 19.56 1.65
CA LEU A 130 20.73 18.89 1.67
C LEU A 130 21.67 19.54 2.69
N PRO A 131 22.64 18.80 3.24
CA PRO A 131 22.73 17.33 3.10
C PRO A 131 21.71 16.55 3.99
N VAL A 132 21.43 15.32 3.59
CA VAL A 132 20.60 14.43 4.38
C VAL A 132 21.49 13.48 5.17
N SER A 133 20.92 12.93 6.24
CA SER A 133 21.63 12.05 7.16
C SER A 133 20.94 10.69 7.31
N GLY A 134 21.66 9.73 7.86
CA GLY A 134 21.08 8.49 8.32
C GLY A 134 19.83 8.69 9.14
N ALA A 135 19.84 9.70 9.99
CA ALA A 135 18.69 9.96 10.85
C ALA A 135 17.48 10.44 10.06
N ASP A 136 17.71 11.24 9.02
CA ASP A 136 16.61 11.62 8.12
C ASP A 136 15.96 10.37 7.51
N VAL A 137 16.76 9.39 7.12
CA VAL A 137 16.24 8.18 6.52
C VAL A 137 15.33 7.43 7.52
N VAL A 138 15.78 7.35 8.77
CA VAL A 138 15.03 6.72 9.84
C VAL A 138 13.76 7.51 10.10
N ALA A 139 13.88 8.82 10.06
CA ALA A 139 12.73 9.68 10.36
C ALA A 139 11.61 9.54 9.34
N HIS A 140 11.97 9.47 8.06
CA HIS A 140 10.96 9.35 7.03
C HIS A 140 10.20 8.03 7.18
N ALA A 141 10.92 6.95 7.45
CA ALA A 141 10.33 5.65 7.68
C ALA A 141 9.42 5.66 8.89
N HIS A 142 9.84 6.35 9.96
CA HIS A 142 9.05 6.44 11.17
C HIS A 142 7.74 7.17 10.90
N ARG A 143 7.81 8.30 10.20
CA ARG A 143 6.61 9.06 9.94
C ARG A 143 5.63 8.30 9.02
N LEU A 144 6.17 7.55 8.07
CA LEU A 144 5.39 6.73 7.15
C LEU A 144 4.65 5.64 7.89
N MET A 145 5.38 4.83 8.66
CA MET A 145 4.80 3.67 9.33
C MET A 145 3.84 4.07 10.45
N ASN A 146 4.36 4.80 11.43
CA ASN A 146 3.62 5.09 12.64
C ASN A 146 2.69 6.28 12.53
N PHE A 147 3.03 7.26 11.70
CA PHE A 147 2.26 8.51 11.66
C PHE A 147 1.63 8.86 10.31
N LEU A 148 1.52 7.86 9.44
CA LEU A 148 0.64 7.92 8.27
C LEU A 148 -0.18 6.64 8.21
N TYR A 149 0.48 5.49 8.21
CA TYR A 149 -0.19 4.22 8.11
C TYR A 149 -0.95 3.95 9.42
N VAL A 150 -0.25 3.80 10.54
CA VAL A 150 -0.90 3.41 11.79
C VAL A 150 -1.74 4.51 12.38
N ALA A 151 -1.14 5.67 12.64
CA ALA A 151 -1.84 6.82 13.24
C ALA A 151 -1.84 8.02 12.28
N SER A 152 -2.95 8.24 11.60
CA SER A 152 -3.02 9.33 10.62
C SER A 152 -3.52 10.57 11.32
N PRO A 153 -3.12 11.75 10.86
CA PRO A 153 -3.64 12.99 11.43
C PRO A 153 -5.17 13.09 11.31
N GLY A 154 -5.73 12.53 10.24
CA GLY A 154 -7.15 12.60 9.96
C GLY A 154 -7.99 11.91 11.01
N ARG A 155 -7.59 10.70 11.40
CA ARG A 155 -8.32 9.96 12.42
C ARG A 155 -8.23 10.61 13.80
N THR A 156 -7.11 11.23 14.14
CA THR A 156 -7.01 11.93 15.43
C THR A 156 -7.75 13.28 15.43
N LEU A 157 -7.64 14.03 14.35
CA LEU A 157 -8.15 15.40 14.33
C LEU A 157 -9.62 15.46 13.90
N GLY A 158 -10.19 14.33 13.48
CA GLY A 158 -11.60 14.28 13.10
C GLY A 158 -11.89 14.84 11.72
N GLU A 159 -10.90 14.73 10.84
CA GLU A 159 -11.01 15.12 9.44
C GLU A 159 -11.37 13.87 8.61
N GLY A 160 -10.82 13.75 7.38
CA GLY A 160 -11.21 12.66 6.50
C GLY A 160 -10.29 12.37 5.30
N ASP A 161 -10.68 12.92 4.14
CA ASP A 161 -10.06 12.58 2.82
C ASP A 161 -8.51 12.50 2.78
N PRO A 162 -7.96 11.51 2.05
CA PRO A 162 -6.49 11.28 2.05
C PRO A 162 -5.70 12.45 1.42
N PRO A 163 -4.37 12.50 1.64
CA PRO A 163 -3.51 13.54 1.07
C PRO A 163 -3.86 14.03 -0.36
N ASP A 164 -3.40 15.25 -0.69
CA ASP A 164 -3.90 15.99 -1.87
C ASP A 164 -2.86 16.99 -2.47
N LEU A 165 -1.62 16.54 -2.70
CA LEU A 165 -0.53 17.42 -3.20
C LEU A 165 0.24 16.83 -4.42
N ALA A 166 -0.36 16.90 -5.61
CA ALA A 166 0.28 16.43 -6.85
C ALA A 166 0.61 17.59 -7.80
N SER B 1 -4.94 -3.62 -2.28
CA SER B 1 -3.86 -4.55 -2.73
C SER B 1 -4.26 -6.02 -2.71
N ASN B 2 -3.60 -6.81 -3.55
CA ASN B 2 -3.77 -8.25 -3.61
C ASN B 2 -2.45 -8.94 -3.30
N SER B 3 -2.54 -10.19 -2.87
CA SER B 3 -1.38 -11.00 -2.56
C SER B 3 -1.75 -12.47 -2.70
N TRP B 4 -0.95 -13.23 -3.45
CA TRP B 4 -1.11 -14.67 -3.58
C TRP B 4 0.22 -15.38 -3.35
N ALA B 5 0.19 -16.50 -2.64
CA ALA B 5 1.31 -17.43 -2.63
C ALA B 5 0.75 -18.82 -2.80
N VAL B 6 1.39 -19.61 -3.64
CA VAL B 6 0.89 -20.91 -4.00
C VAL B 6 1.95 -21.94 -3.69
N ALA B 7 1.56 -23.00 -2.99
CA ALA B 7 2.46 -24.08 -2.62
C ALA B 7 2.80 -24.95 -3.85
N PRO B 8 3.95 -25.62 -3.81
CA PRO B 8 4.37 -26.56 -4.86
C PRO B 8 3.34 -27.59 -5.33
N GLY B 9 2.58 -28.18 -4.40
CA GLY B 9 1.63 -29.23 -4.72
C GLY B 9 0.50 -28.77 -5.64
N LYS B 10 0.21 -27.46 -5.63
CA LYS B 10 -0.84 -26.86 -6.44
C LYS B 10 -0.35 -26.36 -7.82
N THR B 11 0.92 -26.58 -8.13
CA THR B 11 1.52 -26.14 -9.38
C THR B 11 1.93 -27.34 -10.20
N ALA B 12 2.13 -27.14 -11.50
CA ALA B 12 2.57 -28.20 -12.41
C ALA B 12 4.04 -28.54 -12.29
N ASN B 13 4.88 -27.53 -12.09
CA ASN B 13 6.33 -27.73 -12.07
C ASN B 13 6.88 -28.08 -10.69
N GLY B 14 6.11 -27.83 -9.63
CA GLY B 14 6.55 -28.12 -8.28
C GLY B 14 7.34 -27.01 -7.57
N ASN B 15 7.17 -25.77 -8.02
CA ASN B 15 7.80 -24.58 -7.41
C ASN B 15 6.73 -23.55 -7.02
N ALA B 16 6.91 -22.94 -5.85
CA ALA B 16 5.95 -21.99 -5.32
C ALA B 16 5.89 -20.76 -6.20
N LEU B 17 4.74 -20.08 -6.14
CA LEU B 17 4.49 -18.87 -6.93
C LEU B 17 4.10 -17.74 -6.00
N LEU B 18 4.47 -16.53 -6.36
CA LEU B 18 4.18 -15.36 -5.55
C LEU B 18 3.70 -14.23 -6.46
N LEU B 19 2.60 -13.57 -6.04
CA LEU B 19 2.13 -12.33 -6.60
C LEU B 19 2.38 -11.17 -5.65
N GLN B 20 3.08 -10.14 -6.13
CA GLN B 20 3.17 -8.85 -5.47
C GLN B 20 2.29 -7.89 -6.27
N ASN B 21 1.42 -7.16 -5.58
CA ASN B 21 0.34 -6.45 -6.23
C ASN B 21 -0.23 -5.34 -5.36
N PRO B 22 0.61 -4.40 -4.89
CA PRO B 22 0.15 -3.28 -4.09
C PRO B 22 -0.71 -2.28 -4.85
N HIS B 23 -1.85 -1.84 -4.29
CA HIS B 23 -2.66 -0.80 -4.89
C HIS B 23 -2.41 0.53 -4.18
N LEU B 24 -1.93 1.51 -4.93
CA LEU B 24 -1.49 2.77 -4.36
C LEU B 24 -1.85 3.90 -5.32
N SER B 25 -1.68 5.13 -4.85
CA SER B 25 -2.08 6.30 -5.62
C SER B 25 -1.15 6.50 -6.82
N TRP B 26 -1.72 6.96 -7.92
CA TRP B 26 -0.95 7.20 -9.13
C TRP B 26 -0.40 8.61 -9.09
N THR B 27 -1.20 9.54 -8.58
CA THR B 27 -0.79 10.94 -8.39
C THR B 27 -0.22 11.54 -9.68
N THR B 28 -1.02 11.43 -10.74
CA THR B 28 -0.63 11.80 -12.11
C THR B 28 -0.36 13.30 -12.28
N ASP C 1 2.46 11.51 -3.11
CA ASP C 1 3.94 11.75 -3.05
C ASP C 1 4.62 10.61 -2.30
N TYR C 2 4.06 10.31 -1.12
CA TYR C 2 4.63 9.40 -0.12
C TYR C 2 4.53 7.96 -0.59
N PHE C 3 3.50 7.70 -1.40
CA PHE C 3 3.10 6.35 -1.77
C PHE C 3 3.76 5.84 -3.07
N THR C 4 4.59 6.67 -3.72
CA THR C 4 5.18 6.32 -5.02
C THR C 4 6.23 5.22 -4.92
N LEU C 5 6.14 4.23 -5.79
CA LEU C 5 7.03 3.07 -5.74
C LEU C 5 8.15 3.18 -6.73
N TYR C 6 9.23 2.47 -6.42
CA TYR C 6 10.46 2.42 -7.21
C TYR C 6 10.98 1.01 -7.26
N GLU C 7 11.42 0.58 -8.43
CA GLU C 7 11.94 -0.77 -8.66
C GLU C 7 13.47 -0.69 -8.73
N ALA C 8 14.11 -1.66 -8.11
CA ALA C 8 15.57 -1.74 -8.03
C ALA C 8 16.03 -3.17 -7.75
N HIS C 9 17.33 -3.38 -7.92
CA HIS C 9 17.98 -4.65 -7.77
C HIS C 9 19.32 -4.36 -7.06
N LEU C 10 19.55 -4.98 -5.90
CA LEU C 10 20.80 -4.84 -5.15
C LEU C 10 21.55 -6.17 -5.05
N VAL C 11 22.85 -6.14 -5.31
CA VAL C 11 23.69 -7.34 -5.24
C VAL C 11 25.00 -7.01 -4.51
N THR C 12 25.31 -7.81 -3.49
CA THR C 12 26.62 -7.80 -2.84
C THR C 12 27.09 -9.24 -2.80
N PRO C 13 28.31 -9.49 -2.32
CA PRO C 13 28.77 -10.88 -2.16
C PRO C 13 27.91 -11.72 -1.21
N ASP C 14 27.15 -11.09 -0.32
CA ASP C 14 26.42 -11.79 0.73
C ASP C 14 24.89 -11.77 0.62
N PHE C 15 24.33 -10.93 -0.24
CA PHE C 15 22.87 -10.89 -0.45
C PHE C 15 22.47 -10.37 -1.83
N GLU C 16 21.22 -10.64 -2.19
CA GLU C 16 20.60 -10.16 -3.41
C GLU C 16 19.12 -9.90 -3.13
N ILE C 17 18.63 -8.71 -3.46
CA ILE C 17 17.22 -8.37 -3.35
C ILE C 17 16.75 -7.67 -4.63
N TYR C 18 15.58 -8.04 -5.11
CA TYR C 18 14.95 -7.39 -6.27
C TYR C 18 13.55 -6.91 -5.88
N GLY C 19 13.14 -5.72 -6.30
CA GLY C 19 11.74 -5.36 -6.17
C GLY C 19 11.42 -3.91 -5.97
N ALA C 20 10.22 -3.68 -5.45
CA ALA C 20 9.67 -2.35 -5.31
C ALA C 20 9.55 -1.90 -3.86
N THR C 21 9.63 -0.59 -3.64
CA THR C 21 9.49 -0.02 -2.31
C THR C 21 9.11 1.45 -2.39
N GLN C 22 8.56 2.00 -1.32
CA GLN C 22 8.22 3.41 -1.30
C GLN C 22 9.49 4.25 -1.39
N ILE C 23 9.45 5.31 -2.21
CA ILE C 23 10.63 6.15 -2.39
C ILE C 23 11.11 6.68 -1.03
N GLY C 24 12.43 6.74 -0.83
CA GLY C 24 12.97 7.23 0.44
C GLY C 24 13.27 6.14 1.44
N LEU C 25 12.69 4.96 1.26
CA LEU C 25 13.01 3.78 2.04
C LEU C 25 14.24 3.09 1.52
N PRO C 26 15.19 2.76 2.40
CA PRO C 26 16.43 2.08 1.99
C PRO C 26 16.35 0.56 1.94
N VAL C 27 15.17 0.01 2.13
CA VAL C 27 14.95 -1.43 1.99
C VAL C 27 13.72 -1.69 1.13
N ILE C 28 13.69 -2.86 0.51
CA ILE C 28 12.66 -3.22 -0.45
C ILE C 28 11.54 -4.00 0.24
N ARG C 29 10.38 -3.36 0.36
CA ARG C 29 9.23 -3.99 1.02
C ARG C 29 8.62 -5.09 0.17
N PHE C 30 8.54 -4.87 -1.14
CA PHE C 30 8.06 -5.90 -2.06
C PHE C 30 9.22 -6.57 -2.76
N ALA C 31 9.81 -7.55 -2.09
CA ALA C 31 11.10 -8.10 -2.47
C ALA C 31 11.06 -9.56 -2.80
N PHE C 32 11.92 -9.97 -3.73
CA PHE C 32 12.22 -11.37 -3.94
C PHE C 32 13.69 -11.52 -4.40
N ASN C 33 14.15 -12.76 -4.46
CA ASN C 33 15.49 -13.09 -4.91
C ASN C 33 15.49 -14.55 -5.35
N GLN C 34 16.64 -15.19 -5.48
CA GLN C 34 16.67 -16.58 -5.94
C GLN C 34 16.09 -17.59 -4.94
N ARG C 35 16.04 -17.21 -3.66
CA ARG C 35 15.57 -18.07 -2.59
C ARG C 35 14.12 -17.81 -2.17
N MET C 36 13.72 -16.56 -2.04
CA MET C 36 12.43 -16.25 -1.40
C MET C 36 11.91 -14.91 -1.85
N GLY C 37 10.69 -14.59 -1.41
CA GLY C 37 10.12 -13.28 -1.64
C GLY C 37 8.92 -13.02 -0.73
N ILE C 38 8.59 -11.75 -0.53
CA ILE C 38 7.42 -11.34 0.21
C ILE C 38 6.62 -10.28 -0.52
N THR C 39 5.39 -10.11 -0.09
CA THR C 39 4.60 -8.96 -0.46
C THR C 39 3.79 -8.51 0.74
N ASN C 40 3.15 -7.35 0.59
CA ASN C 40 2.39 -6.71 1.66
C ASN C 40 1.04 -6.27 1.16
N THR C 41 0.05 -6.28 2.05
CA THR C 41 -1.17 -5.53 1.88
C THR C 41 -1.56 -4.81 3.17
N VAL C 42 -2.35 -3.77 3.03
CA VAL C 42 -2.83 -3.04 4.17
C VAL C 42 -3.82 -3.93 4.97
N ASN C 43 -3.56 -4.07 6.28
CA ASN C 43 -4.52 -4.68 7.18
C ASN C 43 -5.21 -3.74 8.16
N GLY C 44 -4.78 -2.47 8.22
CA GLY C 44 -5.36 -1.52 9.17
C GLY C 44 -5.18 -1.87 10.65
N MET C 45 -4.15 -2.66 10.98
CA MET C 45 -3.82 -2.99 12.39
C MET C 45 -4.03 -1.76 13.26
N VAL C 46 -4.88 -1.89 14.27
CA VAL C 46 -5.26 -0.77 15.11
C VAL C 46 -4.19 -0.57 16.17
N GLY C 47 -3.16 0.18 15.78
CA GLY C 47 -1.96 0.35 16.57
C GLY C 47 -1.96 1.59 17.41
N ALA C 48 -3.00 2.41 17.29
CA ALA C 48 -3.13 3.60 18.09
C ALA C 48 -4.54 3.72 18.64
N THR C 49 -4.66 4.50 19.72
CA THR C 49 -5.95 4.82 20.33
C THR C 49 -6.09 6.31 20.43
N ASN C 50 -7.28 6.80 20.12
CA ASN C 50 -7.60 8.19 20.30
C ASN C 50 -8.53 8.26 21.50
N TYR C 51 -8.14 8.99 22.54
CA TYR C 51 -8.92 9.11 23.76
C TYR C 51 -9.60 10.47 23.83
N ARG C 52 -10.90 10.46 24.15
CA ARG C 52 -11.62 11.69 24.46
C ARG C 52 -11.33 12.11 25.90
N LEU C 53 -10.68 13.26 26.07
CA LEU C 53 -10.42 13.79 27.40
C LEU C 53 -11.58 14.62 27.91
N THR C 54 -11.77 14.57 29.23
CA THR C 54 -12.66 15.48 29.92
C THR C 54 -11.81 16.58 30.56
N LEU C 55 -11.89 17.77 29.99
CA LEU C 55 -11.19 18.93 30.52
C LEU C 55 -11.90 19.47 31.79
N GLN C 56 -11.12 19.77 32.83
CA GLN C 56 -11.64 20.30 34.09
C GLN C 56 -10.56 21.06 34.84
N ASP C 57 -10.80 22.34 35.16
CA ASP C 57 -9.88 23.15 35.97
C ASP C 57 -8.45 23.16 35.43
N GLY C 58 -8.31 23.43 34.12
CA GLY C 58 -7.00 23.51 33.50
C GLY C 58 -6.24 22.18 33.37
N GLY C 59 -6.83 21.07 33.83
CA GLY C 59 -6.30 19.73 33.66
C GLY C 59 -7.33 18.84 32.98
N TYR C 60 -7.25 17.55 33.25
CA TYR C 60 -8.21 16.59 32.74
C TYR C 60 -8.59 15.59 33.84
N LEU C 61 -9.83 15.11 33.80
CA LEU C 61 -10.33 14.17 34.79
C LEU C 61 -9.85 12.77 34.50
N TYR C 62 -9.36 12.08 35.53
CA TYR C 62 -8.75 10.78 35.36
C TYR C 62 -8.81 10.02 36.69
N ASP C 63 -9.54 8.91 36.70
CA ASP C 63 -9.77 8.11 37.90
C ASP C 63 -10.24 8.97 39.05
N GLY C 64 -11.21 9.84 38.76
CA GLY C 64 -11.88 10.64 39.78
C GLY C 64 -11.18 11.92 40.22
N GLN C 65 -9.98 12.17 39.71
CA GLN C 65 -9.16 13.30 40.14
C GLN C 65 -8.76 14.19 38.96
N VAL C 66 -8.65 15.49 39.21
CA VAL C 66 -8.04 16.41 38.24
C VAL C 66 -6.51 16.25 38.23
N ARG C 67 -6.00 16.04 37.02
CA ARG C 67 -4.61 15.69 36.77
C ARG C 67 -4.05 16.72 35.77
N PRO C 68 -2.93 17.37 36.10
CA PRO C 68 -2.41 18.42 35.21
C PRO C 68 -1.71 17.83 33.99
N PHE C 69 -1.67 18.60 32.91
CA PHE C 69 -0.96 18.20 31.69
C PHE C 69 0.54 18.42 31.84
N GLU C 70 1.31 17.49 31.29
CA GLU C 70 2.67 17.75 30.83
C GLU C 70 2.60 18.82 29.71
N ARG C 71 3.26 19.96 29.89
CA ARG C 71 3.28 21.05 28.89
C ARG C 71 4.71 21.43 28.54
N ARG C 72 5.02 21.60 27.24
CA ARG C 72 6.25 22.28 26.84
C ARG C 72 6.07 23.30 25.73
N GLN C 73 6.82 24.39 25.82
CA GLN C 73 6.81 25.47 24.82
C GLN C 73 7.89 25.15 23.79
N ALA C 74 7.44 24.74 22.61
CA ALA C 74 8.31 24.54 21.46
C ALA C 74 8.05 25.67 20.48
N SER C 75 8.75 25.64 19.36
CA SER C 75 8.44 26.53 18.25
C SER C 75 8.97 25.95 16.94
N TYR C 76 8.42 26.44 15.85
CA TYR C 76 8.93 26.14 14.52
C TYR C 76 8.91 27.43 13.70
N ARG C 77 9.68 27.46 12.62
CA ARG C 77 9.64 28.60 11.69
C ARG C 77 8.67 28.33 10.53
N LEU C 78 8.00 29.39 10.10
CA LEU C 78 7.06 29.34 8.98
C LEU C 78 7.52 30.31 7.90
N ARG C 79 7.72 29.79 6.69
CA ARG C 79 8.15 30.61 5.55
C ARG C 79 7.02 31.52 5.14
N GLN C 80 7.36 32.80 4.96
CA GLN C 80 6.43 33.82 4.48
C GLN C 80 6.48 33.91 2.96
N ALA C 81 5.45 34.51 2.36
CA ALA C 81 5.38 34.76 0.91
C ALA C 81 6.62 35.45 0.36
N ASP C 82 7.25 36.30 1.16
CA ASP C 82 8.44 37.05 0.72
C ASP C 82 9.78 36.34 0.97
N GLY C 83 9.76 35.02 1.18
CA GLY C 83 10.97 34.25 1.39
C GLY C 83 11.63 34.27 2.77
N THR C 84 11.21 35.17 3.66
CA THR C 84 11.68 35.13 5.06
C THR C 84 10.88 34.09 5.87
N THR C 85 11.31 33.87 7.11
CA THR C 85 10.53 33.06 8.05
C THR C 85 10.27 33.85 9.33
N VAL C 86 9.18 33.49 10.01
CA VAL C 86 8.85 34.01 11.34
C VAL C 86 8.80 32.85 12.34
N ASP C 87 9.12 33.15 13.59
CA ASP C 87 9.08 32.15 14.66
C ASP C 87 7.64 32.04 15.19
N LYS C 88 7.07 30.84 15.11
CA LYS C 88 5.73 30.57 15.64
C LYS C 88 5.81 29.68 16.90
N PRO C 89 5.20 30.12 17.99
CA PRO C 89 5.14 29.30 19.20
C PRO C 89 4.18 28.10 19.01
N LEU C 90 4.53 26.98 19.64
CA LEU C 90 3.72 25.77 19.59
C LEU C 90 3.78 25.07 20.93
N GLU C 91 2.65 25.03 21.62
CA GLU C 91 2.54 24.32 22.89
C GLU C 91 2.32 22.84 22.60
N ILE C 92 3.10 21.99 23.26
CA ILE C 92 2.91 20.56 23.20
C ILE C 92 2.44 20.11 24.57
N ARG C 93 1.13 19.91 24.67
CA ARG C 93 0.45 19.37 25.84
C ARG C 93 0.36 17.87 25.71
N SER C 94 0.41 17.20 26.85
CA SER C 94 0.42 15.76 26.91
C SER C 94 -0.25 15.26 28.19
N SER C 95 -1.04 14.19 28.06
CA SER C 95 -1.67 13.48 29.16
C SER C 95 -0.94 12.16 29.32
N VAL C 96 -1.34 11.33 30.29
CA VAL C 96 -0.70 10.03 30.44
C VAL C 96 -0.83 9.19 29.18
N HIS C 97 -1.89 9.41 28.43
CA HIS C 97 -2.12 8.64 27.21
C HIS C 97 -1.09 8.95 26.12
N GLY C 98 -0.84 10.25 25.92
CA GLY C 98 0.09 10.76 24.93
C GLY C 98 -0.20 12.22 24.57
N PRO C 99 0.36 12.72 23.46
CA PRO C 99 0.16 14.11 23.04
C PRO C 99 -1.31 14.47 22.79
N VAL C 100 -1.70 15.70 23.12
CA VAL C 100 -3.09 16.15 23.04
C VAL C 100 -3.30 17.11 21.85
N PHE C 101 -4.37 16.86 21.09
CA PHE C 101 -4.79 17.72 19.97
C PHE C 101 -6.20 18.21 20.22
N GLU C 102 -6.51 19.40 19.75
CA GLU C 102 -7.88 19.91 19.81
C GLU C 102 -8.49 19.92 18.40
N ARG C 103 -9.56 19.15 18.22
CA ARG C 103 -10.33 19.17 16.98
C ARG C 103 -11.04 20.50 16.83
N ALA C 104 -11.42 20.81 15.59
CA ALA C 104 -12.14 22.05 15.26
C ALA C 104 -13.44 22.23 16.06
N ASP C 105 -14.08 21.12 16.43
CA ASP C 105 -15.33 21.18 17.21
C ASP C 105 -15.12 21.28 18.73
N GLY C 106 -13.87 21.36 19.17
CA GLY C 106 -13.56 21.56 20.59
C GLY C 106 -13.21 20.30 21.37
N THR C 107 -13.32 19.13 20.74
CA THR C 107 -12.99 17.86 21.41
C THR C 107 -11.48 17.79 21.66
N ALA C 108 -11.11 17.56 22.91
CA ALA C 108 -9.71 17.36 23.27
C ALA C 108 -9.41 15.88 23.16
N VAL C 109 -8.46 15.52 22.31
CA VAL C 109 -8.15 14.12 22.01
C VAL C 109 -6.67 13.81 22.27
N ALA C 110 -6.40 12.78 23.05
CA ALA C 110 -5.03 12.34 23.28
C ALA C 110 -4.78 11.11 22.46
N VAL C 111 -3.70 11.11 21.67
CA VAL C 111 -3.35 9.95 20.85
C VAL C 111 -2.18 9.15 21.41
N ARG C 112 -2.41 7.83 21.48
CA ARG C 112 -1.50 6.90 22.08
C ARG C 112 -1.17 5.89 21.01
N VAL C 113 0.09 5.91 20.59
CA VAL C 113 0.58 5.10 19.51
C VAL C 113 1.49 4.06 20.09
N ALA C 114 1.23 2.81 19.77
CA ALA C 114 2.06 1.70 20.22
C ALA C 114 3.33 1.60 19.39
N GLY C 115 4.31 0.95 19.98
CA GLY C 115 5.50 0.58 19.26
C GLY C 115 6.44 1.73 19.00
N LEU C 116 6.28 2.82 19.74
CA LEU C 116 7.22 3.91 19.67
C LEU C 116 8.62 3.51 20.16
N ASP C 117 8.73 2.35 20.79
CA ASP C 117 10.01 1.82 21.29
C ASP C 117 10.58 0.71 20.42
N ARG C 118 10.25 0.75 19.13
CA ARG C 118 10.70 -0.25 18.19
C ARG C 118 11.56 0.36 17.07
N PRO C 119 12.83 0.62 17.35
CA PRO C 119 13.71 1.29 16.37
C PRO C 119 14.10 0.46 15.16
N GLY C 120 13.85 -0.85 15.15
CA GLY C 120 14.40 -1.75 14.13
C GLY C 120 13.51 -2.10 12.94
N MET C 121 12.59 -1.21 12.56
CA MET C 121 11.70 -1.46 11.41
C MET C 121 12.48 -1.73 10.13
N LEU C 122 13.37 -0.81 9.76
CA LEU C 122 14.15 -0.99 8.54
C LEU C 122 15.01 -2.25 8.57
N GLU C 123 15.67 -2.50 9.69
CA GLU C 123 16.53 -3.67 9.78
C GLU C 123 15.71 -4.94 9.76
N GLN C 124 14.54 -4.92 10.39
CA GLN C 124 13.71 -6.11 10.37
C GLN C 124 13.34 -6.43 8.91
N TYR C 125 12.81 -5.47 8.17
CA TYR C 125 12.52 -5.74 6.75
C TYR C 125 13.75 -6.27 6.06
N PHE C 126 14.91 -5.65 6.33
CA PHE C 126 16.15 -6.03 5.64
C PHE C 126 16.48 -7.49 5.93
N ASP C 127 16.33 -7.92 7.18
CA ASP C 127 16.66 -9.30 7.56
C ASP C 127 15.59 -10.29 7.06
N MET C 128 14.34 -9.85 7.02
CA MET C 128 13.29 -10.65 6.40
C MET C 128 13.59 -10.98 4.94
N ILE C 129 13.95 -9.98 4.14
CA ILE C 129 14.09 -10.17 2.69
C ILE C 129 15.43 -10.80 2.27
N THR C 130 16.39 -10.84 3.20
CA THR C 130 17.65 -11.57 3.00
C THR C 130 17.77 -12.82 3.88
N ALA C 131 16.67 -13.25 4.49
CA ALA C 131 16.67 -14.50 5.25
C ALA C 131 17.19 -15.69 4.43
N ASP C 132 18.05 -16.49 5.06
CA ASP C 132 18.57 -17.76 4.52
C ASP C 132 17.57 -18.91 4.58
N SER C 133 16.55 -18.80 5.42
CA SER C 133 15.59 -19.88 5.59
C SER C 133 14.29 -19.31 6.12
N PHE C 134 13.21 -20.08 6.04
CA PHE C 134 11.95 -19.64 6.65
C PHE C 134 12.09 -19.40 8.16
N ASP C 135 12.80 -20.26 8.87
CA ASP C 135 12.98 -20.07 10.32
C ASP C 135 13.64 -18.71 10.60
N ASP C 136 14.67 -18.34 9.83
CA ASP C 136 15.28 -17.01 9.94
C ASP C 136 14.33 -15.87 9.62
N TYR C 137 13.49 -16.06 8.60
CA TYR C 137 12.47 -15.07 8.24
C TYR C 137 11.56 -14.84 9.42
N GLU C 138 11.07 -15.93 9.99
CA GLU C 138 10.12 -15.86 11.10
C GLU C 138 10.74 -15.24 12.33
N ALA C 139 12.01 -15.53 12.63
CA ALA C 139 12.65 -14.95 13.81
C ALA C 139 12.76 -13.43 13.66
N ALA C 140 13.02 -12.97 12.43
CA ALA C 140 13.03 -11.53 12.14
C ALA C 140 11.65 -10.94 12.31
N LEU C 141 10.65 -11.59 11.75
CA LEU C 141 9.27 -11.08 11.80
C LEU C 141 8.83 -10.93 13.24
N ALA C 142 9.21 -11.93 14.05
CA ALA C 142 8.84 -12.05 15.45
C ALA C 142 9.39 -10.93 16.34
N ARG C 143 10.37 -10.16 15.85
CA ARG C 143 10.87 -9.00 16.64
C ARG C 143 9.82 -7.93 16.84
N MET C 144 8.76 -7.94 16.04
CA MET C 144 7.67 -6.93 16.15
C MET C 144 8.09 -5.45 15.97
N GLN C 145 8.99 -5.19 15.03
CA GLN C 145 9.41 -3.82 14.71
C GLN C 145 8.66 -3.20 13.50
N VAL C 146 7.91 -4.03 12.75
CA VAL C 146 7.07 -3.53 11.64
C VAL C 146 5.63 -3.46 12.13
N PRO C 147 5.11 -2.26 12.34
CA PRO C 147 3.89 -2.05 13.15
C PRO C 147 2.55 -2.39 12.49
N THR C 148 2.56 -2.81 11.22
CA THR C 148 1.33 -3.06 10.51
C THR C 148 1.59 -3.93 9.28
N PHE C 149 0.54 -4.15 8.49
CA PHE C 149 0.53 -4.87 7.22
C PHE C 149 0.27 -6.36 7.35
N ASN C 150 -0.54 -6.88 6.43
CA ASN C 150 -0.50 -8.29 6.08
C ASN C 150 0.78 -8.54 5.28
N ILE C 151 1.46 -9.64 5.56
CA ILE C 151 2.70 -9.96 4.88
C ILE C 151 2.68 -11.42 4.44
N VAL C 152 2.94 -11.64 3.16
CA VAL C 152 2.87 -12.96 2.57
C VAL C 152 4.26 -13.34 2.07
N TYR C 153 4.60 -14.62 2.17
CA TYR C 153 5.95 -15.13 1.96
C TYR C 153 5.91 -16.42 1.18
N ALA C 154 6.89 -16.62 0.31
CA ALA C 154 7.10 -17.88 -0.39
C ALA C 154 8.59 -18.11 -0.60
N ASP C 155 8.98 -19.38 -0.78
CA ASP C 155 10.37 -19.66 -1.10
C ASP C 155 10.55 -20.90 -1.94
N ARG C 156 11.79 -21.09 -2.37
CA ARG C 156 12.15 -22.19 -3.25
C ARG C 156 12.18 -23.57 -2.54
N GLU C 157 12.18 -23.59 -1.20
CA GLU C 157 12.09 -24.85 -0.45
C GLU C 157 10.63 -25.36 -0.38
N GLY C 158 9.68 -24.49 -0.70
CA GLY C 158 8.29 -24.90 -0.81
C GLY C 158 7.35 -24.33 0.22
N THR C 159 7.86 -23.47 1.11
CA THR C 159 7.05 -22.92 2.18
C THR C 159 6.32 -21.65 1.78
N ILE C 160 5.05 -21.55 2.17
CA ILE C 160 4.28 -20.30 2.04
C ILE C 160 3.67 -19.91 3.37
N ASN C 161 3.48 -18.61 3.57
CA ASN C 161 2.99 -18.13 4.84
C ASN C 161 2.25 -16.82 4.66
N TYR C 162 1.15 -16.66 5.37
CA TYR C 162 0.45 -15.41 5.53
C TYR C 162 0.54 -15.00 6.99
N SER C 163 0.83 -13.73 7.28
CA SER C 163 0.79 -13.22 8.65
C SER C 163 0.06 -11.89 8.72
N PHE C 164 -0.96 -11.84 9.57
CA PHE C 164 -1.61 -10.60 9.94
C PHE C 164 -0.67 -9.90 10.94
N ASN C 165 0.25 -9.10 10.41
CA ASN C 165 1.36 -8.55 11.18
C ASN C 165 1.04 -7.19 11.72
N GLY C 166 1.71 -6.86 12.82
CA GLY C 166 1.67 -5.53 13.39
C GLY C 166 1.82 -5.55 14.89
N VAL C 167 1.78 -4.36 15.47
CA VAL C 167 1.91 -4.16 16.89
C VAL C 167 0.57 -3.70 17.42
N ALA C 168 -0.10 -4.64 18.08
CA ALA C 168 -1.47 -4.51 18.61
C ALA C 168 -1.43 -4.43 20.12
N PRO C 169 -1.95 -3.37 20.72
CA PRO C 169 -2.09 -3.33 22.19
C PRO C 169 -2.93 -4.49 22.78
N LYS C 170 -2.49 -5.06 23.92
CA LYS C 170 -3.30 -6.00 24.68
C LYS C 170 -4.35 -5.20 25.42
N ARG C 171 -5.62 -5.54 25.22
CA ARG C 171 -6.72 -4.93 25.98
C ARG C 171 -7.57 -6.06 26.59
N ALA C 172 -8.27 -5.73 27.67
CA ALA C 172 -9.04 -6.70 28.45
C ALA C 172 -10.51 -6.76 28.03
N GLU C 173 -10.94 -5.77 27.27
CA GLU C 173 -12.32 -5.70 26.80
C GLU C 173 -12.39 -4.88 25.50
N GLY C 174 -13.59 -4.81 24.92
CA GLY C 174 -13.84 -3.99 23.75
C GLY C 174 -13.46 -4.68 22.46
N ASP C 175 -14.33 -4.56 21.47
CA ASP C 175 -14.10 -5.08 20.12
C ASP C 175 -13.43 -3.98 19.23
N ILE C 176 -13.15 -4.31 17.96
CA ILE C 176 -12.40 -3.42 17.08
C ILE C 176 -13.05 -2.04 16.92
N ALA C 177 -14.37 -2.00 16.74
CA ALA C 177 -15.10 -0.74 16.56
C ALA C 177 -14.98 0.16 17.78
N PHE C 178 -15.02 -0.42 18.97
CA PHE C 178 -14.82 0.34 20.20
C PHE C 178 -13.45 1.01 20.20
N TRP C 179 -12.41 0.24 19.85
CA TRP C 179 -11.04 0.76 19.91
C TRP C 179 -10.67 1.62 18.72
N GLN C 180 -11.49 1.60 17.67
CA GLN C 180 -11.37 2.51 16.54
C GLN C 180 -12.00 3.87 16.80
N GLY C 181 -12.99 3.95 17.66
CA GLY C 181 -13.62 5.23 17.96
C GLY C 181 -12.85 5.95 19.05
N LEU C 182 -13.45 7.03 19.56
CA LEU C 182 -12.95 7.73 20.73
C LEU C 182 -13.19 6.92 22.01
N VAL C 183 -12.12 6.41 22.59
CA VAL C 183 -12.16 5.64 23.82
C VAL C 183 -12.15 6.61 25.01
N PRO C 184 -12.89 6.33 26.08
CA PRO C 184 -12.94 7.31 27.17
C PRO C 184 -11.55 7.60 27.75
N GLY C 185 -11.24 8.88 27.90
CA GLY C 185 -9.93 9.30 28.35
C GLY C 185 -9.86 9.70 29.82
N ASP C 186 -10.81 9.19 30.60
CA ASP C 186 -10.95 9.59 32.01
C ASP C 186 -10.73 8.44 32.98
N SER C 187 -10.03 7.40 32.55
CA SER C 187 -9.89 6.23 33.38
C SER C 187 -8.76 5.31 32.90
N SER C 188 -8.00 4.76 33.87
CA SER C 188 -6.92 3.81 33.61
C SER C 188 -7.43 2.45 33.16
N ARG C 189 -8.73 2.26 33.23
CA ARG C 189 -9.38 1.06 32.68
C ARG C 189 -8.99 0.81 31.22
N TYR C 190 -8.91 1.88 30.45
CA TYR C 190 -8.68 1.80 29.01
C TYR C 190 -7.26 2.20 28.62
N LEU C 191 -6.36 2.35 29.60
CA LEU C 191 -4.93 2.61 29.32
C LEU C 191 -4.08 1.35 29.16
N TRP C 192 -3.95 0.86 27.92
CA TRP C 192 -3.09 -0.30 27.66
C TRP C 192 -1.59 0.06 27.77
N THR C 193 -0.75 -0.93 28.06
CA THR C 193 0.70 -0.77 28.20
C THR C 193 1.53 -1.85 27.52
N GLU C 194 0.91 -2.95 27.12
CA GLU C 194 1.61 -4.07 26.51
C GLU C 194 1.04 -4.36 25.12
N THR C 195 1.76 -5.16 24.33
CA THR C 195 1.34 -5.49 22.97
C THR C 195 1.53 -6.98 22.68
N HIS C 196 0.85 -7.49 21.64
CA HIS C 196 0.85 -8.92 21.33
C HIS C 196 2.13 -9.33 20.63
N PRO C 197 2.66 -10.50 21.01
CA PRO C 197 3.75 -11.10 20.26
C PRO C 197 3.18 -11.76 19.00
N LEU C 198 4.05 -12.19 18.09
CA LEU C 198 3.66 -12.72 16.81
C LEU C 198 2.70 -13.92 16.88
N ASP C 199 2.91 -14.85 17.81
CA ASP C 199 2.03 -16.05 17.85
C ASP C 199 0.64 -15.80 18.43
N ASP C 200 0.35 -14.56 18.82
CA ASP C 200 -1.01 -14.16 19.16
C ASP C 200 -1.84 -13.72 17.93
N LEU C 201 -1.18 -13.54 16.78
CA LEU C 201 -1.81 -12.95 15.60
C LEU C 201 -2.19 -14.00 14.57
N PRO C 202 -3.27 -13.79 13.83
CA PRO C 202 -3.63 -14.72 12.76
C PRO C 202 -2.49 -14.98 11.79
N ARG C 203 -2.16 -16.25 11.61
CA ARG C 203 -1.12 -16.70 10.69
C ARG C 203 -1.47 -18.05 10.09
N VAL C 204 -0.92 -18.32 8.91
CA VAL C 204 -1.18 -19.56 8.20
C VAL C 204 0.10 -19.97 7.48
N THR C 205 0.51 -21.23 7.64
CA THR C 205 1.70 -21.77 6.98
C THR C 205 1.41 -23.10 6.32
N ASN C 206 1.76 -23.25 5.04
CA ASN C 206 1.56 -24.50 4.31
C ASN C 206 0.21 -25.19 4.60
N PRO C 207 -0.90 -24.51 4.35
CA PRO C 207 -2.23 -25.05 4.69
C PRO C 207 -2.67 -26.12 3.70
N PRO C 208 -3.67 -26.93 4.05
CA PRO C 208 -4.11 -28.04 3.16
C PRO C 208 -4.56 -27.58 1.75
N GLY C 209 -5.18 -26.41 1.65
CA GLY C 209 -5.56 -25.83 0.37
C GLY C 209 -4.42 -25.42 -0.54
N GLY C 210 -3.20 -25.32 -0.02
CA GLY C 210 -2.03 -25.10 -0.85
C GLY C 210 -1.88 -23.68 -1.40
N PHE C 211 -2.45 -22.71 -0.71
CA PHE C 211 -2.27 -21.31 -1.10
C PHE C 211 -2.65 -20.43 0.06
N VAL C 212 -2.16 -19.19 0.04
CA VAL C 212 -2.67 -18.13 0.90
C VAL C 212 -2.97 -16.90 0.08
N GLN C 213 -3.78 -16.02 0.63
CA GLN C 213 -4.18 -14.82 -0.06
C GLN C 213 -4.69 -13.77 0.87
N ASN C 214 -4.55 -12.52 0.45
CA ASN C 214 -5.22 -11.41 1.08
C ASN C 214 -5.40 -10.29 0.09
N SER C 215 -6.61 -9.74 0.07
CA SER C 215 -7.02 -8.68 -0.84
C SER C 215 -7.72 -7.57 -0.03
N ASN C 216 -7.08 -7.22 1.10
CA ASN C 216 -7.57 -6.28 2.09
C ASN C 216 -8.79 -6.75 2.90
N ASP C 217 -9.25 -7.96 2.64
CA ASP C 217 -10.30 -8.54 3.49
C ASP C 217 -9.75 -8.82 4.89
N PRO C 218 -10.63 -8.79 5.89
CA PRO C 218 -10.30 -9.31 7.21
C PRO C 218 -9.71 -10.71 7.03
N PRO C 219 -8.88 -11.17 7.97
CA PRO C 219 -8.04 -12.34 7.76
C PRO C 219 -8.71 -13.71 8.01
N TRP C 220 -10.02 -13.81 7.82
CA TRP C 220 -10.79 -15.03 8.14
C TRP C 220 -11.00 -16.02 6.99
N THR C 221 -10.64 -15.66 5.76
CA THR C 221 -10.46 -16.64 4.68
C THR C 221 -9.14 -16.44 3.94
N PRO C 222 -8.02 -16.55 4.65
CA PRO C 222 -6.71 -16.36 4.02
C PRO C 222 -6.41 -17.56 3.16
N THR C 223 -7.17 -18.63 3.34
CA THR C 223 -6.99 -19.86 2.59
C THR C 223 -8.27 -20.69 2.63
N TRP C 224 -8.31 -21.78 1.90
CA TRP C 224 -9.55 -22.54 1.77
C TRP C 224 -9.19 -24.02 1.60
N PRO C 225 -9.59 -24.90 2.53
CA PRO C 225 -10.35 -24.59 3.74
C PRO C 225 -9.57 -23.73 4.72
N VAL C 226 -10.32 -23.02 5.57
CA VAL C 226 -9.72 -22.17 6.59
C VAL C 226 -9.06 -23.02 7.67
N THR C 227 -8.12 -22.42 8.38
CA THR C 227 -7.37 -23.08 9.45
C THR C 227 -7.67 -22.48 10.81
N TYR C 228 -8.54 -21.49 10.88
CA TYR C 228 -8.97 -20.89 12.14
C TYR C 228 -10.26 -20.10 11.90
N THR C 229 -10.79 -19.49 12.96
CA THR C 229 -12.01 -18.70 12.87
C THR C 229 -11.87 -17.47 13.75
N PRO C 230 -12.72 -16.47 13.59
CA PRO C 230 -12.64 -15.26 14.42
C PRO C 230 -12.60 -15.45 15.96
N LYS C 231 -13.25 -16.48 16.49
CA LYS C 231 -13.33 -16.70 17.95
C LYS C 231 -12.00 -17.17 18.52
N ASP C 232 -11.08 -17.60 17.66
CA ASP C 232 -9.74 -17.98 18.11
C ASP C 232 -8.84 -16.80 18.49
N PHE C 233 -9.31 -15.57 18.28
CA PHE C 233 -8.50 -14.36 18.50
C PHE C 233 -9.34 -13.30 19.19
N PRO C 234 -8.69 -12.37 19.87
CA PRO C 234 -9.40 -11.25 20.48
C PRO C 234 -10.13 -10.42 19.43
N SER C 235 -11.34 -10.00 19.78
CA SER C 235 -12.25 -9.35 18.87
C SER C 235 -11.80 -7.95 18.41
N TYR C 236 -10.70 -7.44 18.95
CA TYR C 236 -10.20 -6.12 18.57
C TYR C 236 -9.09 -6.12 17.49
N LEU C 237 -8.63 -7.28 17.05
CA LEU C 237 -7.56 -7.37 16.07
C LEU C 237 -7.96 -7.01 14.62
N ALA C 238 -9.17 -7.40 14.23
CA ALA C 238 -9.66 -7.25 12.85
C ALA C 238 -11.18 -7.32 12.77
N PRO C 239 -11.76 -6.60 11.80
CA PRO C 239 -13.21 -6.56 11.67
C PRO C 239 -13.78 -7.91 11.27
N GLN C 240 -15.08 -8.09 11.52
CA GLN C 240 -15.83 -9.25 11.05
C GLN C 240 -16.91 -8.76 10.11
N THR C 241 -16.47 -8.04 9.07
CA THR C 241 -17.35 -7.39 8.10
C THR C 241 -17.37 -8.17 6.78
N PRO C 242 -18.37 -7.92 5.95
CA PRO C 242 -18.46 -8.62 4.66
C PRO C 242 -17.22 -8.46 3.79
N HIS C 243 -16.74 -9.56 3.23
CA HIS C 243 -15.58 -9.56 2.39
C HIS C 243 -15.97 -8.94 1.05
N SER C 244 -15.09 -8.13 0.48
CA SER C 244 -15.34 -7.47 -0.79
C SER C 244 -15.44 -8.51 -1.89
N LEU C 245 -16.15 -8.18 -2.97
CA LEU C 245 -16.27 -9.08 -4.11
C LEU C 245 -14.94 -9.39 -4.74
N ARG C 246 -13.99 -8.44 -4.72
CA ARG C 246 -12.62 -8.71 -5.13
C ARG C 246 -11.96 -9.80 -4.29
N ALA C 247 -12.16 -9.73 -2.98
CA ALA C 247 -11.52 -10.68 -2.08
C ALA C 247 -12.14 -12.05 -2.26
N GLN C 248 -13.45 -12.06 -2.55
CA GLN C 248 -14.16 -13.29 -2.85
C GLN C 248 -13.60 -13.91 -4.12
N GLN C 249 -13.39 -13.10 -5.17
CA GLN C 249 -12.74 -13.58 -6.37
C GLN C 249 -11.31 -14.10 -6.10
N SER C 250 -10.59 -13.44 -5.19
CA SER C 250 -9.21 -13.87 -4.87
C SER C 250 -9.20 -15.33 -4.40
N VAL C 251 -10.09 -15.66 -3.46
CA VAL C 251 -10.19 -17.01 -2.93
C VAL C 251 -10.60 -18.00 -4.04
N ARG C 252 -11.58 -17.61 -4.86
CA ARG C 252 -12.06 -18.51 -5.90
C ARG C 252 -11.00 -18.79 -6.95
N LEU C 253 -10.27 -17.76 -7.35
CA LEU C 253 -9.30 -17.90 -8.42
C LEU C 253 -8.19 -18.87 -8.00
N MET C 254 -7.80 -18.80 -6.74
CA MET C 254 -6.78 -19.71 -6.20
C MET C 254 -7.36 -21.11 -5.93
N SER C 255 -8.45 -21.17 -5.19
CA SER C 255 -9.03 -22.47 -4.76
C SER C 255 -9.50 -23.36 -5.92
N GLU C 256 -10.09 -22.76 -6.95
CA GLU C 256 -10.70 -23.53 -8.03
C GLU C 256 -9.73 -23.96 -9.10
N ASN C 257 -8.51 -23.45 -9.05
CA ASN C 257 -7.51 -23.80 -10.04
C ASN C 257 -6.37 -24.61 -9.43
N ASP C 258 -5.85 -25.51 -10.24
CA ASP C 258 -4.88 -26.50 -9.81
C ASP C 258 -3.90 -26.69 -10.96
N ASP C 259 -2.78 -27.37 -10.67
CA ASP C 259 -1.77 -27.66 -11.68
C ASP C 259 -1.37 -26.34 -12.36
N LEU C 260 -1.18 -25.29 -11.55
CA LEU C 260 -0.87 -23.96 -12.02
C LEU C 260 0.53 -23.81 -12.61
N THR C 261 0.58 -23.14 -13.76
CA THR C 261 1.80 -22.63 -14.33
C THR C 261 1.94 -21.14 -14.00
N LEU C 262 3.14 -20.61 -14.17
CA LEU C 262 3.38 -19.18 -14.03
C LEU C 262 2.49 -18.40 -15.02
N GLU C 263 2.40 -18.88 -16.25
CA GLU C 263 1.57 -18.30 -17.32
C GLU C 263 0.09 -18.18 -16.92
N ARG C 264 -0.47 -19.27 -16.41
CA ARG C 264 -1.85 -19.31 -15.96
C ARG C 264 -2.09 -18.40 -14.72
N PHE C 265 -1.13 -18.43 -13.79
CA PHE C 265 -1.11 -17.56 -12.61
C PHE C 265 -1.18 -16.10 -13.05
N MET C 266 -0.33 -15.72 -13.99
CA MET C 266 -0.37 -14.38 -14.58
C MET C 266 -1.74 -14.05 -15.20
N ALA C 267 -2.33 -15.00 -15.94
CA ALA C 267 -3.62 -14.77 -16.60
C ALA C 267 -4.73 -14.57 -15.57
N LEU C 268 -4.68 -15.35 -14.50
CA LEU C 268 -5.64 -15.20 -13.41
C LEU C 268 -5.59 -13.85 -12.71
N GLN C 269 -4.39 -13.27 -12.59
CA GLN C 269 -4.22 -11.94 -12.00
C GLN C 269 -4.97 -10.84 -12.78
N LEU C 270 -5.08 -11.01 -14.10
CA LEU C 270 -5.81 -10.04 -14.94
C LEU C 270 -7.32 -10.06 -14.76
N SER C 271 -7.85 -10.93 -13.88
CA SER C 271 -9.29 -11.09 -13.72
C SER C 271 -9.98 -9.76 -13.45
N HIS C 272 -11.01 -9.48 -14.25
CA HIS C 272 -11.72 -8.21 -14.17
C HIS C 272 -13.24 -8.40 -14.27
N ARG C 273 -13.75 -9.35 -13.51
CA ARG C 273 -15.16 -9.70 -13.51
C ARG C 273 -16.03 -8.72 -12.71
N ALA C 274 -17.19 -8.36 -13.27
CA ALA C 274 -18.21 -7.62 -12.58
C ALA C 274 -19.05 -8.56 -11.75
N VAL C 275 -18.45 -9.09 -10.69
CA VAL C 275 -19.12 -10.05 -9.83
C VAL C 275 -20.42 -9.45 -9.31
N MET C 276 -20.47 -8.15 -9.09
CA MET C 276 -21.71 -7.59 -8.57
C MET C 276 -22.82 -7.75 -9.57
N ALA C 277 -22.50 -7.68 -10.86
CA ALA C 277 -23.51 -7.95 -11.88
C ALA C 277 -24.06 -9.38 -11.78
N ASP C 278 -23.20 -10.37 -11.49
CA ASP C 278 -23.67 -11.74 -11.24
C ASP C 278 -24.64 -11.85 -10.09
N ARG C 279 -24.45 -11.02 -9.08
CA ARG C 279 -25.27 -11.09 -7.87
C ARG C 279 -26.58 -10.32 -8.03
N THR C 280 -26.64 -9.37 -8.98
CA THR C 280 -27.81 -8.49 -9.07
C THR C 280 -28.60 -8.56 -10.39
N LEU C 281 -27.93 -8.78 -11.51
CA LEU C 281 -28.63 -8.71 -12.80
C LEU C 281 -29.75 -9.76 -12.99
N PRO C 282 -29.62 -10.97 -12.44
CA PRO C 282 -30.72 -11.94 -12.49
C PRO C 282 -32.05 -11.39 -11.95
N ASP C 283 -32.04 -10.63 -10.86
CA ASP C 283 -33.27 -10.00 -10.36
C ASP C 283 -33.56 -8.67 -11.02
N LEU C 284 -32.51 -7.92 -11.36
CA LEU C 284 -32.70 -6.56 -11.87
C LEU C 284 -33.29 -6.52 -13.27
N ILE C 285 -32.80 -7.36 -14.16
CA ILE C 285 -33.21 -7.32 -15.56
C ILE C 285 -34.72 -7.57 -15.78
N PRO C 286 -35.26 -8.67 -15.29
CA PRO C 286 -36.70 -8.91 -15.44
C PRO C 286 -37.54 -7.81 -14.77
N ALA C 287 -37.14 -7.32 -13.61
CA ALA C 287 -37.86 -6.21 -12.99
C ALA C 287 -37.85 -4.97 -13.88
N ALA C 288 -36.70 -4.69 -14.51
CA ALA C 288 -36.56 -3.51 -15.34
C ALA C 288 -37.35 -3.61 -16.64
N LEU C 289 -37.43 -4.82 -17.18
CA LEU C 289 -38.16 -5.03 -18.44
C LEU C 289 -39.67 -4.83 -18.26
N ILE C 290 -40.18 -4.92 -17.03
CA ILE C 290 -41.59 -4.63 -16.71
C ILE C 290 -41.91 -3.14 -16.79
N ASP C 291 -40.89 -2.29 -16.67
CA ASP C 291 -41.09 -0.85 -16.61
C ASP C 291 -41.56 -0.32 -17.97
N PRO C 292 -42.53 0.60 -17.97
CA PRO C 292 -43.04 1.18 -19.24
C PRO C 292 -42.08 2.10 -20.00
N ASP C 293 -41.07 2.65 -19.34
CA ASP C 293 -40.11 3.53 -20.00
C ASP C 293 -39.25 2.73 -20.99
N PRO C 294 -39.31 3.05 -22.29
CA PRO C 294 -38.55 2.29 -23.30
C PRO C 294 -37.03 2.40 -23.17
N GLU C 295 -36.57 3.45 -22.49
CA GLU C 295 -35.15 3.65 -22.25
C GLU C 295 -34.66 2.68 -21.17
N VAL C 296 -35.47 2.46 -20.14
CA VAL C 296 -35.15 1.49 -19.10
C VAL C 296 -35.14 0.08 -19.67
N GLN C 297 -36.09 -0.22 -20.57
CA GLN C 297 -36.14 -1.53 -21.21
C GLN C 297 -34.88 -1.74 -22.01
N ALA C 298 -34.47 -0.71 -22.75
CA ALA C 298 -33.30 -0.80 -23.61
C ALA C 298 -32.01 -0.94 -22.78
N ALA C 299 -32.00 -0.27 -21.64
CA ALA C 299 -30.90 -0.35 -20.70
C ALA C 299 -30.81 -1.77 -20.16
N ALA C 300 -31.96 -2.34 -19.84
CA ALA C 300 -32.05 -3.70 -19.34
C ALA C 300 -31.54 -4.73 -20.37
N ARG C 301 -31.88 -4.55 -21.64
CA ARG C 301 -31.41 -5.45 -22.70
C ARG C 301 -29.91 -5.30 -22.99
N LEU C 302 -29.39 -4.09 -22.86
CA LEU C 302 -27.95 -3.88 -22.98
C LEU C 302 -27.21 -4.60 -21.84
N LEU C 303 -27.69 -4.47 -20.61
CA LEU C 303 -27.05 -5.13 -19.47
C LEU C 303 -27.17 -6.66 -19.58
N ALA C 304 -28.29 -7.15 -20.13
CA ALA C 304 -28.54 -8.59 -20.18
C ALA C 304 -27.62 -9.29 -21.17
N ALA C 305 -27.24 -8.59 -22.22
CA ALA C 305 -26.40 -9.13 -23.28
C ALA C 305 -24.89 -9.02 -22.94
N TRP C 306 -24.56 -8.27 -21.89
CA TRP C 306 -23.18 -8.07 -21.43
C TRP C 306 -22.61 -9.34 -20.79
N ASP C 307 -21.36 -9.66 -21.15
CA ASP C 307 -20.68 -10.85 -20.60
C ASP C 307 -20.16 -10.66 -19.15
N ARG C 308 -20.40 -9.46 -18.61
CA ARG C 308 -20.09 -9.11 -17.22
C ARG C 308 -18.60 -9.02 -16.94
N GLU C 309 -17.83 -8.67 -17.97
CA GLU C 309 -16.41 -8.40 -17.84
C GLU C 309 -16.14 -6.93 -18.14
N PHE C 310 -15.25 -6.32 -17.33
CA PHE C 310 -14.76 -4.96 -17.61
C PHE C 310 -13.68 -4.97 -18.70
N THR C 311 -14.10 -5.21 -19.93
CA THR C 311 -13.20 -5.13 -21.09
C THR C 311 -13.31 -3.75 -21.71
N SER C 312 -12.29 -3.36 -22.46
CA SER C 312 -12.28 -2.10 -23.23
C SER C 312 -13.52 -1.92 -24.12
N ASP C 313 -14.00 -3.00 -24.71
CA ASP C 313 -15.08 -2.91 -25.71
C ASP C 313 -16.47 -3.06 -25.13
N SER C 314 -16.60 -3.07 -23.82
CA SER C 314 -17.89 -3.20 -23.17
C SER C 314 -18.76 -1.94 -23.24
N ARG C 315 -19.98 -2.12 -23.73
CA ARG C 315 -20.93 -1.05 -23.92
C ARG C 315 -21.82 -0.92 -22.72
N ALA C 316 -21.88 -1.95 -21.89
CA ALA C 316 -22.77 -1.93 -20.74
C ALA C 316 -22.10 -1.54 -19.42
N ALA C 317 -20.77 -1.63 -19.33
CA ALA C 317 -20.07 -1.57 -18.02
C ALA C 317 -20.19 -0.22 -17.33
N LEU C 318 -20.11 0.87 -18.09
CA LEU C 318 -20.21 2.19 -17.50
C LEU C 318 -21.58 2.35 -16.89
N LEU C 319 -22.62 1.98 -17.64
CA LEU C 319 -23.99 2.04 -17.13
C LEU C 319 -24.14 1.21 -15.87
N PHE C 320 -23.59 0.00 -15.88
CA PHE C 320 -23.69 -0.85 -14.71
C PHE C 320 -23.02 -0.19 -13.50
N GLU C 321 -21.84 0.41 -13.68
CA GLU C 321 -21.20 1.10 -12.56
C GLU C 321 -22.14 2.15 -11.96
N GLU C 322 -22.74 2.96 -12.83
CA GLU C 322 -23.59 4.06 -12.36
C GLU C 322 -24.79 3.56 -11.60
N TRP C 323 -25.29 2.38 -11.94
CA TRP C 323 -26.37 1.78 -11.20
C TRP C 323 -25.84 1.33 -9.83
N ALA C 324 -24.66 0.73 -9.81
CA ALA C 324 -24.05 0.21 -8.60
C ALA C 324 -23.73 1.32 -7.62
N ARG C 325 -23.35 2.47 -8.14
CA ARG C 325 -23.11 3.63 -7.27
C ARG C 325 -24.32 3.92 -6.38
N LEU C 326 -25.51 3.75 -6.93
CA LEU C 326 -26.74 4.00 -6.18
C LEU C 326 -27.15 2.81 -5.35
N PHE C 327 -27.07 1.62 -5.93
CA PHE C 327 -27.53 0.41 -5.27
C PHE C 327 -26.64 0.02 -4.08
N ALA C 328 -25.35 0.34 -4.18
CA ALA C 328 -24.37 -0.01 -3.16
C ALA C 328 -23.47 1.17 -2.69
N GLY C 329 -23.90 2.40 -2.88
CA GLY C 329 -23.14 3.56 -2.42
C GLY C 329 -22.02 3.92 -3.38
N GLN C 330 -21.46 5.12 -3.22
CA GLN C 330 -20.38 5.61 -4.07
C GLN C 330 -19.08 4.80 -4.00
N ASN C 331 -18.89 4.08 -2.88
CA ASN C 331 -17.79 3.13 -2.71
C ASN C 331 -18.09 1.69 -3.13
N PHE C 332 -19.34 1.43 -3.52
CA PHE C 332 -19.84 0.11 -3.93
C PHE C 332 -19.74 -0.94 -2.83
N ALA C 333 -19.73 -0.52 -1.57
CA ALA C 333 -19.54 -1.44 -0.43
C ALA C 333 -20.79 -1.66 0.39
N GLY C 334 -21.83 -0.87 0.14
CA GLY C 334 -23.10 -0.99 0.83
C GLY C 334 -23.79 -2.32 0.62
N GLN C 335 -24.44 -2.82 1.68
CA GLN C 335 -25.03 -4.16 1.74
C GLN C 335 -26.56 -4.19 1.82
N ALA C 336 -27.18 -3.04 2.03
CA ALA C 336 -28.60 -2.98 2.39
C ALA C 336 -29.48 -3.32 1.20
N GLY C 337 -28.96 -3.18 -0.01
CA GLY C 337 -29.68 -3.51 -1.22
C GLY C 337 -29.87 -5.00 -1.51
N PHE C 338 -29.04 -5.88 -0.95
CA PHE C 338 -29.08 -7.31 -1.28
C PHE C 338 -30.17 -8.06 -0.54
N ALA C 339 -30.62 -9.16 -1.16
CA ALA C 339 -31.71 -9.96 -0.64
C ALA C 339 -31.20 -10.98 0.36
N THR C 340 -30.07 -11.59 0.03
CA THR C 340 -29.43 -12.56 0.92
C THR C 340 -28.15 -11.90 1.41
N PRO C 341 -28.03 -11.72 2.73
CA PRO C 341 -26.88 -11.01 3.29
C PRO C 341 -25.59 -11.83 3.26
N TRP C 342 -24.44 -11.16 3.37
CA TRP C 342 -23.17 -11.87 3.47
C TRP C 342 -23.11 -12.76 4.71
N SER C 343 -22.47 -13.91 4.55
CA SER C 343 -22.26 -14.86 5.63
C SER C 343 -20.89 -15.48 5.49
N LEU C 344 -20.18 -15.58 6.63
CA LEU C 344 -18.90 -16.28 6.66
C LEU C 344 -19.05 -17.77 6.34
N ASP C 345 -20.27 -18.31 6.50
CA ASP C 345 -20.53 -19.71 6.09
C ASP C 345 -20.59 -19.91 4.57
N LYS C 346 -20.81 -18.84 3.82
CA LYS C 346 -20.79 -18.87 2.35
C LYS C 346 -20.00 -17.64 1.86
N PRO C 347 -18.72 -17.60 2.19
CA PRO C 347 -17.95 -16.35 2.11
C PRO C 347 -17.61 -15.93 0.69
N VAL C 348 -17.74 -16.79 -0.30
CA VAL C 348 -17.49 -16.40 -1.69
C VAL C 348 -18.72 -16.41 -2.61
N SER C 349 -19.91 -16.57 -2.04
CA SER C 349 -21.16 -16.61 -2.80
C SER C 349 -22.27 -15.76 -2.21
N THR C 350 -21.96 -14.98 -1.17
CA THR C 350 -22.88 -13.96 -0.64
C THR C 350 -22.16 -12.61 -0.56
N PRO C 351 -22.88 -11.51 -0.47
CA PRO C 351 -24.34 -11.45 -0.50
C PRO C 351 -24.85 -11.68 -1.92
N TYR C 352 -26.18 -11.71 -2.08
CA TYR C 352 -26.75 -12.05 -3.37
C TYR C 352 -28.19 -11.52 -3.50
N GLY C 353 -28.57 -11.17 -4.71
CA GLY C 353 -29.95 -10.88 -5.04
C GLY C 353 -30.33 -9.44 -4.75
N VAL C 354 -31.46 -9.01 -5.29
CA VAL C 354 -31.96 -7.66 -5.08
C VAL C 354 -33.17 -7.70 -4.15
N ARG C 355 -33.04 -7.10 -2.98
CA ARG C 355 -34.10 -7.07 -1.96
C ARG C 355 -35.40 -6.44 -2.46
N ASP C 356 -35.27 -5.31 -3.14
CA ASP C 356 -36.40 -4.49 -3.55
C ASP C 356 -36.29 -4.13 -5.04
N PRO C 357 -36.68 -5.04 -5.92
CA PRO C 357 -36.51 -4.83 -7.35
C PRO C 357 -37.10 -3.53 -7.87
N LYS C 358 -38.29 -3.16 -7.41
CA LYS C 358 -38.94 -1.93 -7.86
C LYS C 358 -38.10 -0.67 -7.57
N ALA C 359 -37.60 -0.56 -6.35
CA ALA C 359 -36.68 0.53 -5.98
C ALA C 359 -35.39 0.48 -6.81
N ALA C 360 -34.89 -0.73 -7.10
CA ALA C 360 -33.67 -0.89 -7.89
C ALA C 360 -33.84 -0.46 -9.34
N VAL C 361 -35.02 -0.67 -9.90
CA VAL C 361 -35.36 -0.18 -11.24
C VAL C 361 -35.38 1.37 -11.23
N ASP C 362 -35.92 1.97 -10.16
CA ASP C 362 -35.86 3.43 -9.99
C ASP C 362 -34.40 3.90 -9.94
N GLN C 363 -33.56 3.16 -9.22
CA GLN C 363 -32.12 3.45 -9.25
C GLN C 363 -31.57 3.34 -10.69
N LEU C 364 -32.01 2.36 -11.46
CA LEU C 364 -31.55 2.23 -12.85
C LEU C 364 -31.99 3.41 -13.70
N ARG C 365 -33.19 3.89 -13.47
CA ARG C 365 -33.73 5.05 -14.17
C ARG C 365 -32.82 6.25 -13.97
N THR C 366 -32.51 6.56 -12.72
CA THR C 366 -31.57 7.64 -12.37
C THR C 366 -30.19 7.39 -12.98
N ALA C 367 -29.70 6.15 -12.89
CA ALA C 367 -28.37 5.80 -13.42
C ALA C 367 -28.25 6.02 -14.91
N ILE C 368 -29.36 5.83 -15.64
CA ILE C 368 -29.38 6.06 -17.09
C ILE C 368 -29.10 7.54 -17.35
N ALA C 369 -29.79 8.39 -16.60
CA ALA C 369 -29.59 9.83 -16.68
C ALA C 369 -28.15 10.21 -16.31
N ASN C 370 -27.64 9.64 -15.20
CA ASN C 370 -26.27 9.92 -14.76
C ASN C 370 -25.27 9.49 -15.80
N THR C 371 -25.55 8.37 -16.46
CA THR C 371 -24.62 7.80 -17.40
C THR C 371 -24.50 8.67 -18.64
N LYS C 372 -25.65 9.10 -19.18
CA LYS C 372 -25.66 9.97 -20.36
C LYS C 372 -24.99 11.30 -20.07
N ARG C 373 -25.18 11.84 -18.88
CA ARG C 373 -24.59 13.11 -18.50
C ARG C 373 -23.07 13.01 -18.36
N LYS C 374 -22.60 11.94 -17.72
CA LYS C 374 -21.17 11.75 -17.51
C LYS C 374 -20.44 11.44 -18.82
N TYR C 375 -21.02 10.55 -19.64
CA TYR C 375 -20.27 9.91 -20.73
C TYR C 375 -20.82 10.15 -22.14
N GLY C 376 -21.96 10.84 -22.25
CA GLY C 376 -22.55 11.17 -23.54
C GLY C 376 -23.57 10.17 -24.09
N ALA C 377 -23.64 8.98 -23.47
CA ALA C 377 -24.53 7.92 -23.93
C ALA C 377 -24.58 6.79 -22.90
N ILE C 378 -25.58 5.92 -23.00
CA ILE C 378 -25.70 4.78 -22.10
C ILE C 378 -24.82 3.62 -22.53
N ASP C 379 -24.26 3.69 -23.73
CA ASP C 379 -23.54 2.57 -24.32
C ASP C 379 -22.18 2.95 -24.92
N ARG C 380 -21.52 3.94 -24.34
CA ARG C 380 -20.14 4.26 -24.72
C ARG C 380 -19.16 3.13 -24.33
N PRO C 381 -18.26 2.74 -25.24
CA PRO C 381 -17.25 1.72 -24.91
C PRO C 381 -16.43 2.06 -23.64
N PHE C 382 -16.26 1.06 -22.79
CA PHE C 382 -15.66 1.23 -21.48
C PHE C 382 -14.27 1.82 -21.63
N GLY C 383 -13.51 1.28 -22.56
CA GLY C 383 -12.14 1.68 -22.81
C GLY C 383 -11.95 2.91 -23.70
N ASP C 384 -13.03 3.51 -24.18
CA ASP C 384 -12.99 4.82 -24.83
C ASP C 384 -13.11 5.91 -23.78
N ALA C 385 -13.91 5.68 -22.75
CA ALA C 385 -14.02 6.59 -21.61
C ALA C 385 -12.88 6.39 -20.59
N SER C 386 -12.48 5.16 -20.35
CA SER C 386 -11.47 4.84 -19.34
C SER C 386 -10.15 4.72 -20.04
N ARG C 387 -9.26 5.68 -19.79
CA ARG C 387 -7.99 5.75 -20.48
C ARG C 387 -6.85 5.84 -19.46
N MET C 388 -5.68 5.36 -19.88
CA MET C 388 -4.47 5.51 -19.08
C MET C 388 -3.55 6.43 -19.87
N ILE C 389 -3.33 7.61 -19.30
CA ILE C 389 -2.62 8.72 -19.95
C ILE C 389 -1.46 9.19 -19.08
N LEU C 390 -0.24 8.97 -19.55
CA LEU C 390 0.97 9.56 -18.97
C LEU C 390 1.77 10.26 -20.07
N ASN C 391 2.13 11.53 -19.86
CA ASN C 391 2.73 12.38 -20.92
C ASN C 391 1.90 12.27 -22.22
N ASP C 392 2.53 11.84 -23.31
CA ASP C 392 1.87 11.73 -24.61
C ASP C 392 1.45 10.29 -24.97
N VAL C 393 1.37 9.41 -23.98
CA VAL C 393 0.92 8.03 -24.21
C VAL C 393 -0.50 7.97 -23.70
N ASN C 394 -1.41 7.53 -24.58
CA ASN C 394 -2.84 7.47 -24.30
C ASN C 394 -3.38 6.12 -24.78
N VAL C 395 -3.67 5.22 -23.84
CA VAL C 395 -4.04 3.84 -24.18
C VAL C 395 -5.35 3.38 -23.53
N PRO C 396 -6.01 2.42 -24.16
CA PRO C 396 -7.32 1.97 -23.65
C PRO C 396 -7.25 1.23 -22.33
N GLY C 397 -8.21 1.55 -21.49
CA GLY C 397 -8.31 0.95 -20.17
C GLY C 397 -9.16 -0.29 -20.18
N ALA C 398 -8.94 -1.10 -19.15
CA ALA C 398 -9.66 -2.32 -18.87
C ALA C 398 -9.50 -2.61 -17.39
N ALA C 399 -10.39 -3.46 -16.87
CA ALA C 399 -10.49 -3.73 -15.45
C ALA C 399 -11.03 -2.48 -14.75
N GLY C 400 -11.25 -2.57 -13.45
CA GLY C 400 -11.94 -1.51 -12.74
C GLY C 400 -12.04 -1.67 -11.23
N TYR C 401 -13.20 -1.35 -10.69
CA TYR C 401 -13.37 -1.15 -9.26
C TYR C 401 -13.39 -2.48 -8.52
N GLY C 402 -12.56 -2.55 -7.48
CA GLY C 402 -12.44 -3.75 -6.69
C GLY C 402 -13.73 -4.18 -6.02
N ASN C 403 -14.45 -3.25 -5.44
CA ASN C 403 -15.67 -3.58 -4.77
C ASN C 403 -16.80 -4.06 -5.67
N LEU C 404 -16.67 -3.87 -6.98
CA LEU C 404 -17.57 -4.51 -7.96
C LEU C 404 -17.11 -5.92 -8.36
N GLY C 405 -15.93 -6.33 -7.90
CA GLY C 405 -15.42 -7.68 -8.13
C GLY C 405 -14.18 -7.80 -8.99
N SER C 406 -13.71 -6.69 -9.53
CA SER C 406 -12.52 -6.70 -10.36
C SER C 406 -11.29 -7.00 -9.49
N PHE C 407 -10.56 -8.06 -9.81
CA PHE C 407 -9.35 -8.44 -9.05
C PHE C 407 -8.19 -7.50 -9.34
N ARG C 408 -7.91 -7.37 -10.63
CA ARG C 408 -7.01 -6.34 -11.12
C ARG C 408 -7.76 -5.03 -11.00
N VAL C 409 -7.19 -4.03 -10.33
CA VAL C 409 -7.90 -2.82 -9.97
C VAL C 409 -7.38 -1.51 -10.62
N PHE C 410 -8.33 -0.73 -11.13
CA PHE C 410 -8.10 0.63 -11.57
C PHE C 410 -9.26 1.48 -11.06
N THR C 411 -8.97 2.23 -10.01
CA THR C 411 -9.94 3.11 -9.42
C THR C 411 -10.07 4.32 -10.33
N TRP C 412 -11.00 4.23 -11.28
CA TRP C 412 -11.17 5.28 -12.28
C TRP C 412 -11.66 6.54 -11.60
N SER C 413 -11.09 7.67 -12.03
CA SER C 413 -11.51 8.98 -11.56
C SER C 413 -12.91 9.31 -12.07
N ASP C 414 -13.53 10.33 -11.49
CA ASP C 414 -14.68 10.96 -12.13
C ASP C 414 -14.23 11.45 -13.50
N PRO C 415 -15.14 11.42 -14.46
CA PRO C 415 -14.81 11.85 -15.84
C PRO C 415 -14.66 13.37 -16.00
N ASP C 416 -13.82 13.78 -16.94
CA ASP C 416 -13.77 15.19 -17.33
C ASP C 416 -14.98 15.54 -18.25
N GLU C 417 -14.96 16.74 -18.82
CA GLU C 417 -16.10 17.27 -19.59
C GLU C 417 -16.39 16.44 -20.86
N ASN C 418 -15.37 15.78 -21.39
CA ASN C 418 -15.53 14.86 -22.53
C ASN C 418 -15.82 13.41 -22.15
N GLY C 419 -16.02 13.12 -20.87
CA GLY C 419 -16.26 11.77 -20.40
C GLY C 419 -15.03 10.87 -20.26
N VAL C 420 -13.83 11.43 -20.41
CA VAL C 420 -12.58 10.70 -20.21
C VAL C 420 -12.23 10.66 -18.71
N ARG C 421 -11.87 9.48 -18.23
CA ARG C 421 -11.43 9.31 -16.85
C ARG C 421 -10.13 8.49 -16.85
N THR C 422 -9.32 8.63 -15.79
CA THR C 422 -8.06 7.88 -15.67
C THR C 422 -7.90 7.36 -14.24
N PRO C 423 -7.02 6.38 -14.03
CA PRO C 423 -6.86 5.77 -12.70
C PRO C 423 -6.26 6.75 -11.68
N VAL C 424 -6.91 6.92 -10.54
CA VAL C 424 -6.32 7.64 -9.42
C VAL C 424 -5.57 6.71 -8.45
N HIS C 425 -5.74 5.40 -8.58
CA HIS C 425 -5.27 4.42 -7.59
C HIS C 425 -5.46 3.04 -8.19
N GLY C 426 -4.58 2.09 -7.85
CA GLY C 426 -4.73 0.73 -8.31
C GLY C 426 -3.41 0.08 -8.69
N GLU C 427 -3.42 -0.73 -9.75
CA GLU C 427 -2.22 -1.43 -10.14
C GLU C 427 -1.07 -0.45 -10.24
N THR C 428 0.01 -0.76 -9.51
CA THR C 428 1.27 -0.02 -9.63
C THR C 428 2.37 -1.01 -9.95
N TRP C 429 3.00 -1.56 -8.91
CA TRP C 429 3.99 -2.60 -9.09
C TRP C 429 3.25 -3.93 -9.08
N VAL C 430 3.41 -4.71 -10.14
CA VAL C 430 2.74 -5.99 -10.29
C VAL C 430 3.82 -6.98 -10.72
N ALA C 431 4.05 -8.01 -9.92
CA ALA C 431 5.07 -9.00 -10.24
C ALA C 431 4.61 -10.39 -9.85
N MET C 432 5.04 -11.36 -10.65
CA MET C 432 4.67 -12.73 -10.44
C MET C 432 5.95 -13.52 -10.59
N ILE C 433 6.26 -14.30 -9.55
CA ILE C 433 7.53 -15.00 -9.45
C ILE C 433 7.30 -16.49 -9.23
N GLU C 434 8.02 -17.33 -9.96
CA GLU C 434 8.10 -18.75 -9.71
C GLU C 434 9.48 -19.07 -9.15
N PHE C 435 9.52 -19.81 -8.04
CA PHE C 435 10.76 -20.08 -7.33
C PHE C 435 11.38 -21.38 -7.81
N SER C 436 11.45 -21.49 -9.13
CA SER C 436 12.22 -22.45 -9.84
C SER C 436 13.70 -22.10 -9.66
N THR C 437 14.56 -22.89 -10.28
CA THR C 437 16.00 -22.72 -10.22
C THR C 437 16.54 -22.68 -11.65
N PRO C 438 16.91 -21.51 -12.19
CA PRO C 438 16.79 -20.19 -11.54
C PRO C 438 15.34 -19.72 -11.42
N VAL C 439 15.12 -18.64 -10.67
CA VAL C 439 13.77 -18.13 -10.53
C VAL C 439 13.34 -17.50 -11.86
N ARG C 440 12.03 -17.44 -12.08
CA ARG C 440 11.48 -16.78 -13.23
C ARG C 440 10.47 -15.76 -12.74
N ALA C 441 10.61 -14.52 -13.20
CA ALA C 441 9.74 -13.47 -12.69
C ALA C 441 9.41 -12.47 -13.78
N TYR C 442 8.20 -11.93 -13.72
CA TYR C 442 7.73 -10.91 -14.66
C TYR C 442 7.05 -9.82 -13.88
N GLY C 443 7.13 -8.59 -14.38
CA GLY C 443 6.44 -7.48 -13.75
C GLY C 443 6.27 -6.23 -14.59
N LEU C 444 5.53 -5.27 -14.06
CA LEU C 444 5.39 -3.94 -14.64
C LEU C 444 5.16 -2.95 -13.52
N MET C 445 5.59 -1.71 -13.77
CA MET C 445 5.27 -0.58 -12.91
C MET C 445 4.44 0.37 -13.77
N SER C 446 3.18 0.59 -13.40
CA SER C 446 2.26 1.40 -14.20
C SER C 446 2.82 2.75 -14.61
N TYR C 447 3.40 3.45 -13.63
CA TYR C 447 3.83 4.84 -13.78
C TYR C 447 5.36 4.97 -13.93
N GLY C 448 6.01 3.90 -14.38
CA GLY C 448 7.41 3.93 -14.70
C GLY C 448 8.30 3.96 -13.46
N ASN C 449 9.60 4.06 -13.70
CA ASN C 449 10.57 4.07 -12.63
C ASN C 449 11.15 5.43 -12.23
N SER C 450 10.74 6.50 -12.90
CA SER C 450 11.21 7.84 -12.57
C SER C 450 10.14 8.90 -12.78
N ARG C 451 10.20 9.93 -11.95
CA ARG C 451 9.31 11.08 -12.06
C ARG C 451 10.04 12.42 -12.16
N GLN C 452 11.30 12.38 -12.52
CA GLN C 452 12.06 13.60 -12.69
C GLN C 452 11.71 14.20 -14.05
N PRO C 453 11.56 15.53 -14.07
CA PRO C 453 11.17 16.23 -15.29
C PRO C 453 12.02 15.82 -16.49
N GLY C 454 11.37 15.55 -17.63
CA GLY C 454 12.04 15.19 -18.84
C GLY C 454 12.53 13.75 -18.97
N THR C 455 12.29 12.93 -17.96
CA THR C 455 12.72 11.53 -18.01
C THR C 455 11.92 10.78 -19.07
N THR C 456 12.59 9.86 -19.75
CA THR C 456 11.94 8.94 -20.66
C THR C 456 11.42 7.68 -19.93
N HIS C 457 11.44 7.68 -18.59
CA HIS C 457 11.08 6.49 -17.83
C HIS C 457 9.91 6.72 -16.86
N TYR C 458 8.99 7.60 -17.25
CA TYR C 458 7.73 7.81 -16.56
C TYR C 458 6.57 7.11 -17.33
N SER C 459 6.46 7.41 -18.62
CA SER C 459 5.38 6.90 -19.47
C SER C 459 5.74 5.69 -20.32
N ASP C 460 6.96 5.14 -20.17
CA ASP C 460 7.42 4.04 -21.02
C ASP C 460 6.94 2.61 -20.66
N GLN C 461 6.07 2.45 -19.67
CA GLN C 461 5.53 1.12 -19.37
C GLN C 461 4.00 1.00 -19.50
N ILE C 462 3.31 2.11 -19.57
CA ILE C 462 1.85 2.09 -19.50
C ILE C 462 1.19 1.45 -20.74
N GLU C 463 1.85 1.51 -21.90
CA GLU C 463 1.31 0.85 -23.09
C GLU C 463 1.38 -0.67 -22.89
N ARG C 464 2.50 -1.13 -22.33
CA ARG C 464 2.63 -2.55 -21.98
C ARG C 464 1.56 -2.97 -20.95
N VAL C 465 1.24 -2.10 -20.01
CA VAL C 465 0.20 -2.40 -19.05
C VAL C 465 -1.15 -2.61 -19.76
N SER C 466 -1.46 -1.74 -20.73
CA SER C 466 -2.73 -1.82 -21.45
C SER C 466 -2.93 -3.14 -22.21
N ARG C 467 -1.84 -3.84 -22.52
CA ARG C 467 -1.87 -5.15 -23.19
C ARG C 467 -1.43 -6.32 -22.29
N ALA C 468 -1.26 -6.06 -20.98
CA ALA C 468 -0.73 -7.06 -20.05
C ALA C 468 0.55 -7.71 -20.62
N ASP C 469 1.41 -6.90 -21.20
CA ASP C 469 2.67 -7.39 -21.77
C ASP C 469 3.81 -7.19 -20.74
N PHE C 470 3.99 -8.18 -19.87
CA PHE C 470 4.88 -8.02 -18.72
C PHE C 470 6.37 -8.14 -19.08
N ARG C 471 7.19 -7.32 -18.44
CA ARG C 471 8.65 -7.38 -18.55
C ARG C 471 9.18 -8.60 -17.85
N GLU C 472 10.10 -9.31 -18.47
CA GLU C 472 10.86 -10.31 -17.75
C GLU C 472 11.80 -9.57 -16.80
N LEU C 473 11.74 -9.91 -15.52
CA LEU C 473 12.61 -9.30 -14.51
C LEU C 473 13.97 -9.99 -14.51
N LEU C 474 15.03 -9.20 -14.52
CA LEU C 474 16.37 -9.67 -14.81
C LEU C 474 17.27 -9.66 -13.54
N LEU C 475 17.49 -10.84 -12.96
CA LEU C 475 18.25 -10.98 -11.73
C LEU C 475 19.64 -11.57 -11.98
N ARG C 476 19.80 -12.36 -13.05
CA ARG C 476 21.09 -13.00 -13.32
C ARG C 476 22.05 -12.03 -13.99
N ARG C 477 23.31 -12.07 -13.57
CA ARG C 477 24.29 -11.09 -14.04
C ARG C 477 24.34 -11.00 -15.55
N GLU C 478 24.25 -12.15 -16.21
CA GLU C 478 24.37 -12.24 -17.65
C GLU C 478 23.16 -11.61 -18.35
N GLN C 479 21.98 -11.74 -17.75
CA GLN C 479 20.80 -11.07 -18.29
C GLN C 479 20.97 -9.57 -18.20
N VAL C 480 21.46 -9.12 -17.04
CA VAL C 480 21.64 -7.70 -16.76
C VAL C 480 22.64 -7.09 -17.72
N GLU C 481 23.72 -7.82 -18.00
CA GLU C 481 24.78 -7.35 -18.91
C GLU C 481 24.29 -7.23 -20.36
N ALA C 482 23.35 -8.10 -20.74
CA ALA C 482 22.74 -8.04 -22.07
C ALA C 482 21.81 -6.84 -22.19
N ALA C 483 21.20 -6.40 -21.10
CA ALA C 483 20.18 -5.35 -21.17
C ALA C 483 20.70 -3.94 -20.85
N VAL C 484 21.93 -3.83 -20.34
CA VAL C 484 22.38 -2.55 -19.81
C VAL C 484 22.44 -1.46 -20.91
N GLN C 485 21.95 -0.28 -20.56
CA GLN C 485 21.96 0.92 -21.41
C GLN C 485 22.77 2.07 -20.80
N GLU C 486 23.11 1.96 -19.51
CA GLU C 486 23.88 2.99 -18.83
C GLU C 486 24.62 2.34 -17.66
N ARG C 487 25.90 2.70 -17.50
CA ARG C 487 26.76 2.20 -16.42
C ARG C 487 27.24 3.38 -15.61
N THR C 488 26.93 3.37 -14.32
CA THR C 488 27.40 4.39 -13.40
C THR C 488 28.35 3.76 -12.40
N PRO C 489 29.66 3.85 -12.63
CA PRO C 489 30.58 3.44 -11.57
C PRO C 489 30.47 4.43 -10.44
N PHE C 490 30.68 3.92 -9.25
CA PHE C 490 30.70 4.77 -8.06
C PHE C 490 31.73 4.21 -7.10
N ASN C 491 32.06 4.99 -6.10
CA ASN C 491 32.87 4.49 -5.02
C ASN C 491 32.49 5.22 -3.74
N PHE C 492 32.39 4.46 -2.67
CA PHE C 492 31.95 4.99 -1.40
C PHE C 492 33.10 4.88 -0.39
N LYS C 493 33.50 6.02 0.15
CA LYS C 493 34.50 6.11 1.23
C LYS C 493 33.83 6.76 2.45
N PRO C 494 33.55 5.97 3.49
CA PRO C 494 32.96 6.51 4.74
C PRO C 494 33.73 7.70 5.35
#